data_5X6C
#
_entry.id   5X6C
#
_cell.length_a   279.821
_cell.length_b   279.821
_cell.length_c   279.821
_cell.angle_alpha   90.00
_cell.angle_beta   90.00
_cell.angle_gamma   90.00
#
_symmetry.space_group_name_H-M   'I 21 3'
#
loop_
_entity.id
_entity.type
_entity.pdbx_description
1 polymer 'O-phosphoserine--tRNA(Cys) ligase'
2 polymer 'Uncharacterized protein MJ1481'
3 non-polymer "ADENOSINE-5'-TRIPHOSPHATE"
4 non-polymer 'SULFATE ION'
5 water water
#
loop_
_entity_poly.entity_id
_entity_poly.type
_entity_poly.pdbx_seq_one_letter_code
_entity_poly.pdbx_strand_id
1 'polypeptide(L)'
;MGSSMKLKHKRDDKMRFDIKKVLELAEKDFETAWRETRALIKDKHIDNKYPRLKPVYGKPHPVMETIERLRQAYLRMGFE
EMINPVIVDEMEIYKQFGPEAMAVLDRCFYLAGLPRPDVGLGNEKVEIIKNLGIDIDEEKKERLREVLHLYKKGAIDGDD
LVFEIAKALNVSNEMGLKVLETAFPEFKDLKPESTTLTLRSHMTSGWFITLSSLIKKRKLPLKLFSIDRCFRREQREDRS
HLMSYHSASCVVVGEDVSVDDGKVVAEGLLAQFGFTKFKFKPDEKKSKYYTPETQTEVYAYHPKLGEWIEVATFGVYSPI
ALAKYNIDVPVMNLGLGVERLAMIIYGYEDVRAMVYPQFYEYRLSDRDIAGMIRVDKVPILDEFYNFANELIDICIANKD
KESPCSVEVKREFNFNGERRVIKVEIFENEPNKKLLGPSVLNEVYVYDGNIYGIPPTFEGVKEQYIPILKKAKEEGVSTN
IRYIDGIIYKLVAKIEEALVSNVDEFKFRVPIVRSLSDINLKIDELALKQIMGENKVIDVRGPVFLNAKVEIK
;
A,B
2 'polypeptide(L)'
;MNHMRVEYSKDLIRKGISTISQLKKAKIRVEKDDKKISYKDAKPGKIDVNEFKKAIYLLIEADDFLYKKAPKHELNEEEA
KEFCKLIIKCQEHLNKILANFGFEFEEKEIDEGALYIVSNKKLFKKLKNKNPNLKVVCTEGMLDIEDMRAIGVPEKALEG
LKKKVEIARKNVERFIEKYKPEKIFVVVEDDKDELLYLRAKNLYNAEKLDADEILD
;
E,F
#
# COMPACT_ATOMS: atom_id res chain seq x y z
N MET A 15 23.48 5.85 -13.62
CA MET A 15 22.86 4.60 -13.20
C MET A 15 23.20 4.28 -11.73
N ARG A 16 23.86 3.16 -11.50
CA ARG A 16 24.29 2.77 -10.16
C ARG A 16 25.76 3.09 -9.96
N PHE A 17 26.34 2.79 -8.80
CA PHE A 17 27.72 3.20 -8.58
C PHE A 17 28.71 2.05 -8.61
N ASP A 18 29.97 2.40 -8.82
CA ASP A 18 31.03 1.43 -9.04
C ASP A 18 31.52 0.84 -7.73
N ILE A 19 31.18 -0.42 -7.49
CA ILE A 19 31.57 -1.09 -6.27
C ILE A 19 33.09 -1.13 -6.15
N LYS A 20 33.77 -1.37 -7.27
CA LYS A 20 35.21 -1.52 -7.22
C LYS A 20 35.88 -0.19 -6.86
N LYS A 21 35.47 0.87 -7.54
CA LYS A 21 36.04 2.19 -7.31
C LYS A 21 35.78 2.68 -5.89
N VAL A 22 34.59 2.37 -5.36
CA VAL A 22 34.25 2.77 -4.01
C VAL A 22 35.13 2.03 -3.03
N LEU A 23 35.21 0.71 -3.16
CA LEU A 23 36.06 -0.07 -2.27
C LEU A 23 37.52 0.40 -2.30
N GLU A 24 38.03 0.76 -3.48
CA GLU A 24 39.41 1.21 -3.60
C GLU A 24 39.60 2.57 -2.94
N LEU A 25 38.65 3.47 -3.17
CA LEU A 25 38.74 4.81 -2.62
C LEU A 25 38.70 4.72 -1.12
N ALA A 26 37.87 3.81 -0.62
CA ALA A 26 37.70 3.61 0.81
C ALA A 26 38.94 3.01 1.42
N GLU A 27 39.65 2.16 0.69
CA GLU A 27 40.83 1.55 1.30
C GLU A 27 42.04 2.48 1.24
N LYS A 28 42.06 3.41 0.30
CA LYS A 28 43.14 4.39 0.33
C LYS A 28 43.04 5.22 1.59
N ASP A 29 41.85 5.72 1.89
CA ASP A 29 41.62 6.50 3.11
C ASP A 29 40.15 6.51 3.50
N PHE A 30 39.77 5.67 4.46
CA PHE A 30 38.36 5.49 4.82
C PHE A 30 37.59 6.74 5.10
N GLU A 31 38.18 7.69 5.82
CA GLU A 31 37.43 8.85 6.24
C GLU A 31 37.12 9.80 5.09
N THR A 32 38.12 10.23 4.33
CA THR A 32 37.87 10.99 3.12
C THR A 32 36.85 10.27 2.29
N ALA A 33 37.00 8.96 2.16
CA ALA A 33 36.12 8.19 1.29
C ALA A 33 34.69 8.24 1.78
N TRP A 34 34.49 8.14 3.08
CA TRP A 34 33.16 8.19 3.65
C TRP A 34 32.53 9.55 3.45
N ARG A 35 33.30 10.62 3.69
CA ARG A 35 32.80 11.97 3.43
C ARG A 35 32.48 12.24 1.96
N GLU A 36 33.42 11.90 1.08
CA GLU A 36 33.32 12.21 -0.33
C GLU A 36 32.26 11.39 -1.02
N THR A 37 32.05 10.20 -0.49
CA THR A 37 31.23 9.22 -1.18
C THR A 37 29.75 9.55 -1.07
N ARG A 38 29.45 10.68 -0.45
CA ARG A 38 28.09 11.15 -0.28
C ARG A 38 27.49 11.57 -1.61
N ALA A 39 28.37 11.97 -2.52
CA ALA A 39 27.96 12.44 -3.83
C ALA A 39 27.37 11.34 -4.70
N LEU A 40 27.55 10.09 -4.28
CA LEU A 40 27.03 8.96 -5.01
C LEU A 40 25.56 8.73 -4.69
N ILE A 41 25.05 9.49 -3.73
CA ILE A 41 23.65 9.38 -3.33
C ILE A 41 22.88 10.62 -3.80
N LYS A 42 22.16 10.50 -4.92
CA LYS A 42 21.47 11.66 -5.49
C LYS A 42 20.32 12.12 -4.61
N ASP A 43 20.14 13.43 -4.45
CA ASP A 43 18.91 13.92 -3.84
C ASP A 43 17.77 13.63 -4.82
N LYS A 44 16.54 13.67 -4.34
CA LYS A 44 15.42 13.34 -5.19
C LYS A 44 15.08 14.52 -6.08
N HIS A 45 14.34 14.27 -7.16
CA HIS A 45 13.86 15.33 -8.02
C HIS A 45 13.04 16.27 -7.17
N ILE A 46 13.18 17.58 -7.39
CA ILE A 46 12.51 18.58 -6.57
C ILE A 46 11.03 18.26 -6.40
N ASP A 47 10.44 17.67 -7.43
CA ASP A 47 9.05 17.23 -7.44
C ASP A 47 8.72 16.29 -6.31
N ASN A 48 9.70 15.50 -5.93
CA ASN A 48 9.46 14.38 -5.03
C ASN A 48 10.21 14.46 -3.74
N LYS A 49 10.50 15.67 -3.28
CA LYS A 49 11.19 15.86 -2.03
C LYS A 49 10.16 16.12 -0.96
N TYR A 50 10.46 15.78 0.28
CA TYR A 50 9.51 16.01 1.37
C TYR A 50 9.35 17.50 1.59
N PRO A 51 8.11 17.98 1.81
CA PRO A 51 6.84 17.32 2.05
C PRO A 51 5.93 17.11 0.85
N ARG A 52 6.45 17.23 -0.36
CA ARG A 52 5.65 16.95 -1.52
C ARG A 52 5.50 15.45 -1.69
N LEU A 53 6.40 14.72 -1.06
CA LEU A 53 6.36 13.26 -1.03
C LEU A 53 5.53 12.83 0.16
N LYS A 54 4.39 12.19 -0.10
CA LYS A 54 3.39 11.90 0.92
C LYS A 54 3.39 10.39 1.19
N PRO A 55 3.11 9.97 2.43
CA PRO A 55 2.97 8.54 2.67
C PRO A 55 1.64 8.01 2.20
N VAL A 56 1.60 6.76 1.76
CA VAL A 56 0.36 6.14 1.38
C VAL A 56 0.14 4.87 2.17
N TYR A 57 -1.00 4.80 2.85
CA TYR A 57 -1.34 3.66 3.68
C TYR A 57 -2.84 3.53 3.70
N GLY A 58 -3.33 2.34 3.99
CA GLY A 58 -4.76 2.11 4.09
C GLY A 58 -5.30 2.70 5.38
N LYS A 59 -6.49 3.28 5.32
CA LYS A 59 -7.05 3.91 6.49
C LYS A 59 -8.36 3.24 6.90
N PRO A 60 -8.38 2.56 8.05
CA PRO A 60 -9.60 1.97 8.59
C PRO A 60 -10.67 2.98 8.98
N HIS A 61 -11.91 2.52 9.08
CA HIS A 61 -13.06 3.35 9.47
C HIS A 61 -13.29 3.12 10.93
N PRO A 62 -13.54 4.17 11.71
CA PRO A 62 -13.68 3.98 13.16
C PRO A 62 -14.78 3.00 13.54
N VAL A 63 -15.89 2.99 12.83
CA VAL A 63 -16.97 2.10 13.23
C VAL A 63 -16.55 0.66 12.98
N MET A 64 -15.82 0.41 11.91
CA MET A 64 -15.43 -0.94 11.60
C MET A 64 -14.25 -1.40 12.45
N GLU A 65 -13.36 -0.50 12.85
CA GLU A 65 -12.30 -0.93 13.74
C GLU A 65 -12.92 -1.21 15.08
N THR A 66 -13.98 -0.49 15.43
CA THR A 66 -14.59 -0.74 16.72
C THR A 66 -15.31 -2.08 16.67
N ILE A 67 -15.89 -2.40 15.52
CA ILE A 67 -16.50 -3.70 15.36
C ILE A 67 -15.45 -4.81 15.53
N GLU A 68 -14.27 -4.66 14.97
CA GLU A 68 -13.33 -5.74 15.14
C GLU A 68 -12.85 -5.84 16.58
N ARG A 69 -12.60 -4.70 17.20
CA ARG A 69 -12.13 -4.74 18.56
C ARG A 69 -13.17 -5.35 19.45
N LEU A 70 -14.43 -5.18 19.10
CA LEU A 70 -15.52 -5.78 19.87
C LEU A 70 -15.61 -7.28 19.62
N ARG A 71 -15.39 -7.73 18.39
CA ARG A 71 -15.30 -9.16 18.12
C ARG A 71 -14.30 -9.75 19.05
N GLN A 72 -13.16 -9.09 19.20
CA GLN A 72 -12.11 -9.69 19.98
C GLN A 72 -12.33 -9.55 21.48
N ALA A 73 -13.05 -8.52 21.90
CA ALA A 73 -13.39 -8.41 23.31
C ALA A 73 -14.35 -9.53 23.69
N TYR A 74 -15.26 -9.88 22.79
CA TYR A 74 -16.16 -10.99 23.06
C TYR A 74 -15.44 -12.31 22.98
N LEU A 75 -14.60 -12.49 21.98
CA LEU A 75 -13.92 -13.75 21.81
C LEU A 75 -13.03 -14.01 23.01
N ARG A 76 -12.43 -12.97 23.54
CA ARG A 76 -11.51 -13.14 24.64
C ARG A 76 -12.21 -13.41 25.95
N MET A 77 -13.54 -13.47 25.93
CA MET A 77 -14.32 -13.85 27.10
C MET A 77 -14.93 -15.22 26.89
N GLY A 78 -14.58 -15.87 25.80
CA GLY A 78 -15.03 -17.22 25.57
C GLY A 78 -16.31 -17.34 24.78
N PHE A 79 -16.79 -16.23 24.25
CA PHE A 79 -18.05 -16.23 23.53
C PHE A 79 -17.88 -16.79 22.13
N GLU A 80 -18.91 -17.49 21.68
CA GLU A 80 -18.93 -18.16 20.39
C GLU A 80 -19.62 -17.30 19.37
N GLU A 81 -18.97 -17.01 18.25
CA GLU A 81 -19.50 -16.02 17.33
C GLU A 81 -20.52 -16.63 16.40
N MET A 82 -21.61 -15.89 16.19
CA MET A 82 -22.78 -16.38 15.45
C MET A 82 -23.24 -15.37 14.43
N ILE A 83 -24.04 -15.83 13.47
CA ILE A 83 -24.79 -14.93 12.61
C ILE A 83 -26.25 -15.29 12.71
N ASN A 84 -27.10 -14.33 13.03
CA ASN A 84 -28.51 -14.60 13.23
C ASN A 84 -29.31 -14.14 12.04
N PRO A 85 -30.52 -14.66 11.86
CA PRO A 85 -31.36 -14.12 10.81
C PRO A 85 -31.51 -12.61 10.92
N VAL A 86 -31.50 -11.94 9.77
CA VAL A 86 -31.66 -10.49 9.71
C VAL A 86 -33.11 -10.17 9.46
N ILE A 87 -33.70 -10.90 8.53
CA ILE A 87 -35.11 -10.76 8.17
C ILE A 87 -35.94 -11.71 8.99
N VAL A 88 -36.96 -11.20 9.67
CA VAL A 88 -37.85 -12.02 10.48
C VAL A 88 -39.32 -11.66 10.30
N ASP A 89 -40.20 -12.64 10.33
CA ASP A 89 -41.63 -12.38 10.19
C ASP A 89 -42.14 -11.59 11.36
N GLU A 90 -43.19 -10.82 11.13
CA GLU A 90 -43.74 -9.98 12.17
C GLU A 90 -44.23 -10.81 13.34
N MET A 91 -44.69 -12.02 13.06
CA MET A 91 -45.20 -12.88 14.13
C MET A 91 -44.10 -13.28 15.10
N GLU A 92 -42.84 -13.20 14.68
CA GLU A 92 -41.72 -13.45 15.58
C GLU A 92 -41.69 -12.36 16.64
N ILE A 93 -41.94 -11.14 16.20
CA ILE A 93 -41.98 -10.03 17.12
C ILE A 93 -43.21 -10.13 18.01
N TYR A 94 -44.33 -10.62 17.51
CA TYR A 94 -45.44 -10.83 18.42
C TYR A 94 -45.12 -11.91 19.45
N LYS A 95 -44.39 -12.94 19.07
CA LYS A 95 -44.01 -13.97 20.02
C LYS A 95 -43.11 -13.41 21.12
N GLN A 96 -42.15 -12.57 20.75
CA GLN A 96 -41.22 -12.07 21.75
C GLN A 96 -41.81 -10.95 22.59
N PHE A 97 -42.43 -9.98 21.96
CA PHE A 97 -42.97 -8.81 22.64
C PHE A 97 -44.38 -8.98 23.19
N GLY A 98 -45.06 -10.04 22.82
CA GLY A 98 -46.42 -10.22 23.25
C GLY A 98 -47.30 -9.20 22.58
N PRO A 99 -48.39 -8.82 23.24
CA PRO A 99 -49.31 -7.81 22.73
C PRO A 99 -48.65 -6.47 22.46
N GLU A 100 -47.59 -6.15 23.20
CA GLU A 100 -46.86 -4.90 22.97
C GLU A 100 -46.35 -4.76 21.54
N ALA A 101 -46.30 -5.86 20.81
CA ALA A 101 -45.73 -5.81 19.47
C ALA A 101 -46.62 -5.00 18.53
N MET A 102 -47.85 -4.73 18.93
CA MET A 102 -48.76 -3.99 18.07
C MET A 102 -48.39 -2.53 18.12
N ALA A 103 -47.54 -2.18 19.08
CA ALA A 103 -47.01 -0.83 19.19
C ALA A 103 -45.55 -0.84 18.76
N VAL A 104 -44.79 -1.83 19.22
CA VAL A 104 -43.38 -1.88 18.93
C VAL A 104 -43.11 -2.08 17.45
N LEU A 105 -44.00 -2.77 16.75
CA LEU A 105 -43.79 -3.02 15.32
C LEU A 105 -43.79 -1.74 14.50
N ASP A 106 -44.07 -0.61 15.12
CA ASP A 106 -44.04 0.66 14.40
C ASP A 106 -42.62 0.99 14.06
N ARG A 107 -41.74 0.59 14.96
CA ARG A 107 -40.33 0.85 14.89
C ARG A 107 -39.59 -0.01 13.87
N CYS A 108 -40.22 -1.07 13.39
CA CYS A 108 -39.58 -1.99 12.46
C CYS A 108 -39.91 -1.67 11.02
N PHE A 109 -38.96 -1.90 10.13
CA PHE A 109 -39.19 -1.74 8.70
C PHE A 109 -39.87 -2.97 8.17
N TYR A 110 -40.96 -2.83 7.42
CA TYR A 110 -41.52 -3.97 6.73
C TYR A 110 -40.83 -4.11 5.40
N LEU A 111 -40.77 -5.32 4.88
CA LEU A 111 -40.19 -5.55 3.57
C LEU A 111 -41.27 -5.60 2.52
N ALA A 112 -41.05 -4.91 1.40
CA ALA A 112 -42.04 -4.82 0.34
C ALA A 112 -41.38 -5.14 -0.98
N GLY A 113 -42.16 -5.44 -2.01
CA GLY A 113 -41.54 -5.83 -3.26
C GLY A 113 -42.42 -5.76 -4.49
N LEU A 114 -41.82 -5.61 -5.65
CA LEU A 114 -42.59 -5.47 -6.88
C LEU A 114 -43.08 -6.82 -7.36
N PRO A 115 -44.33 -6.88 -7.82
CA PRO A 115 -44.92 -8.03 -8.47
C PRO A 115 -44.25 -8.28 -9.78
N ARG A 116 -44.50 -9.40 -10.41
CA ARG A 116 -44.06 -9.58 -11.79
C ARG A 116 -45.16 -9.07 -12.69
N PRO A 117 -44.80 -8.51 -13.84
CA PRO A 117 -45.88 -8.05 -14.68
C PRO A 117 -46.41 -9.16 -15.59
N ASP A 118 -47.72 -9.18 -15.75
CA ASP A 118 -48.35 -10.05 -16.71
C ASP A 118 -48.60 -9.21 -17.95
N VAL A 119 -47.77 -9.39 -18.97
CA VAL A 119 -47.94 -8.65 -20.20
C VAL A 119 -47.80 -9.57 -21.38
N GLY A 120 -48.39 -9.17 -22.50
CA GLY A 120 -48.39 -10.04 -23.66
C GLY A 120 -47.83 -9.33 -24.86
N LEU A 121 -47.62 -10.09 -25.92
CA LEU A 121 -47.09 -9.55 -27.16
C LEU A 121 -48.20 -9.26 -28.15
N GLY A 122 -47.90 -8.48 -29.17
CA GLY A 122 -48.85 -8.20 -30.22
C GLY A 122 -49.94 -7.25 -29.83
N ASN A 123 -50.60 -6.67 -30.84
CA ASN A 123 -49.99 -6.46 -32.15
C ASN A 123 -49.35 -5.09 -32.19
N GLU A 124 -49.90 -4.19 -31.39
CA GLU A 124 -49.38 -2.83 -31.26
C GLU A 124 -47.91 -2.88 -30.84
N LYS A 125 -47.57 -3.85 -30.01
CA LYS A 125 -46.21 -3.98 -29.51
C LYS A 125 -45.34 -4.50 -30.63
N VAL A 126 -45.85 -5.45 -31.40
CA VAL A 126 -45.11 -5.93 -32.55
C VAL A 126 -44.77 -4.79 -33.49
N GLU A 127 -45.71 -3.86 -33.65
CA GLU A 127 -45.45 -2.74 -34.52
C GLU A 127 -44.42 -1.81 -33.92
N ILE A 128 -44.50 -1.55 -32.61
CA ILE A 128 -43.46 -0.75 -31.98
C ILE A 128 -42.07 -1.34 -32.19
N ILE A 129 -41.96 -2.64 -31.97
CA ILE A 129 -40.71 -3.34 -32.13
C ILE A 129 -40.22 -3.23 -33.57
N LYS A 130 -41.12 -3.35 -34.55
CA LYS A 130 -40.70 -3.21 -35.94
C LYS A 130 -40.25 -1.80 -36.27
N ASN A 131 -40.99 -0.82 -35.78
CA ASN A 131 -40.64 0.56 -35.99
C ASN A 131 -39.32 0.90 -35.32
N LEU A 132 -38.82 0.01 -34.47
CA LEU A 132 -37.53 0.25 -33.83
C LEU A 132 -36.39 -0.14 -34.77
N GLY A 133 -36.72 -0.84 -35.84
CA GLY A 133 -35.72 -1.22 -36.80
C GLY A 133 -35.44 -2.70 -36.72
N ILE A 134 -36.22 -3.40 -35.91
CA ILE A 134 -36.00 -4.82 -35.68
C ILE A 134 -36.80 -5.68 -36.63
N ASP A 135 -36.16 -6.67 -37.20
CA ASP A 135 -36.86 -7.63 -38.04
C ASP A 135 -37.40 -8.78 -37.19
N ILE A 136 -38.71 -8.88 -37.04
CA ILE A 136 -39.23 -9.97 -36.24
C ILE A 136 -40.01 -11.02 -37.02
N ASP A 137 -39.49 -12.25 -37.01
CA ASP A 137 -40.15 -13.43 -37.51
C ASP A 137 -41.40 -13.69 -36.71
N GLU A 138 -42.08 -14.78 -37.04
CA GLU A 138 -43.05 -15.35 -36.12
C GLU A 138 -42.25 -16.03 -35.02
N GLU A 139 -41.14 -16.63 -35.43
CA GLU A 139 -40.27 -17.33 -34.50
C GLU A 139 -39.74 -16.41 -33.42
N LYS A 140 -39.18 -15.27 -33.83
CA LYS A 140 -38.66 -14.30 -32.88
C LYS A 140 -39.79 -13.84 -31.97
N LYS A 141 -40.97 -13.69 -32.54
CA LYS A 141 -42.10 -13.22 -31.76
C LYS A 141 -42.46 -14.24 -30.69
N GLU A 142 -42.24 -15.52 -30.98
CA GLU A 142 -42.62 -16.54 -30.02
C GLU A 142 -41.55 -16.69 -28.96
N ARG A 143 -40.29 -16.57 -29.37
CA ARG A 143 -39.18 -16.59 -28.43
C ARG A 143 -39.39 -15.49 -27.39
N LEU A 144 -39.75 -14.29 -27.84
CA LEU A 144 -39.96 -13.23 -26.88
C LEU A 144 -41.25 -13.42 -26.07
N ARG A 145 -42.25 -14.04 -26.66
CA ARG A 145 -43.50 -14.25 -25.93
C ARG A 145 -43.22 -15.18 -24.75
N GLU A 146 -42.30 -16.12 -24.98
CA GLU A 146 -41.90 -17.05 -23.92
C GLU A 146 -41.04 -16.36 -22.87
N VAL A 147 -40.05 -15.57 -23.29
CA VAL A 147 -39.27 -14.81 -22.31
C VAL A 147 -40.17 -13.99 -21.38
N LEU A 148 -41.23 -13.42 -21.91
CA LEU A 148 -42.12 -12.64 -21.08
C LEU A 148 -42.96 -13.53 -20.19
N HIS A 149 -43.28 -14.72 -20.68
CA HIS A 149 -44.03 -15.65 -19.83
C HIS A 149 -43.16 -16.00 -18.63
N LEU A 150 -41.99 -16.55 -18.90
CA LEU A 150 -41.03 -16.89 -17.86
C LEU A 150 -40.79 -15.75 -16.89
N TYR A 151 -40.74 -14.51 -17.36
CA TYR A 151 -40.59 -13.42 -16.41
C TYR A 151 -41.84 -13.31 -15.54
N LYS A 152 -43.02 -13.50 -16.12
CA LYS A 152 -44.22 -13.46 -15.31
C LYS A 152 -44.22 -14.55 -14.23
N LYS A 153 -43.78 -15.73 -14.63
CA LYS A 153 -43.84 -16.88 -13.77
C LYS A 153 -42.64 -16.93 -12.81
N GLY A 154 -41.83 -15.90 -12.84
CA GLY A 154 -40.73 -15.77 -11.89
C GLY A 154 -39.48 -16.55 -12.21
N ALA A 155 -39.33 -16.99 -13.44
CA ALA A 155 -38.21 -17.85 -13.80
C ALA A 155 -37.03 -17.11 -14.40
N ILE A 156 -37.14 -15.79 -14.55
CA ILE A 156 -36.03 -15.00 -15.05
C ILE A 156 -35.78 -13.85 -14.10
N ASP A 157 -34.52 -13.59 -13.80
CA ASP A 157 -34.19 -12.56 -12.83
C ASP A 157 -34.29 -11.20 -13.51
N GLY A 158 -34.40 -10.12 -12.75
CA GLY A 158 -34.43 -8.81 -13.35
C GLY A 158 -33.10 -8.52 -14.03
N ASP A 159 -32.00 -8.89 -13.37
CA ASP A 159 -30.66 -8.84 -13.94
C ASP A 159 -30.58 -9.26 -15.39
N ASP A 160 -31.31 -10.33 -15.67
CA ASP A 160 -31.12 -11.12 -16.86
C ASP A 160 -32.11 -10.83 -17.95
N LEU A 161 -33.02 -9.89 -17.75
CA LEU A 161 -34.15 -9.79 -18.66
C LEU A 161 -33.78 -9.09 -19.96
N VAL A 162 -32.95 -8.05 -19.88
CA VAL A 162 -32.44 -7.42 -21.10
C VAL A 162 -31.65 -8.41 -21.93
N PHE A 163 -30.88 -9.26 -21.28
CA PHE A 163 -30.13 -10.28 -21.99
C PHE A 163 -31.03 -11.24 -22.73
N GLU A 164 -32.09 -11.67 -22.05
CA GLU A 164 -32.94 -12.70 -22.58
C GLU A 164 -33.75 -12.15 -23.74
N ILE A 165 -34.23 -10.92 -23.60
CA ILE A 165 -34.95 -10.26 -24.67
C ILE A 165 -34.05 -10.14 -25.88
N ALA A 166 -32.86 -9.59 -25.66
CA ALA A 166 -31.91 -9.45 -26.75
C ALA A 166 -31.67 -10.78 -27.43
N LYS A 167 -31.49 -11.83 -26.66
CA LYS A 167 -31.22 -13.16 -27.19
C LYS A 167 -32.40 -13.65 -28.00
N ALA A 168 -33.59 -13.34 -27.52
CA ALA A 168 -34.84 -13.80 -28.14
C ALA A 168 -34.97 -13.26 -29.54
N LEU A 169 -34.76 -11.95 -29.67
CA LEU A 169 -34.97 -11.26 -30.94
C LEU A 169 -33.73 -11.22 -31.78
N ASN A 170 -32.66 -11.79 -31.27
CA ASN A 170 -31.36 -11.73 -31.92
C ASN A 170 -30.97 -10.29 -32.27
N VAL A 171 -31.04 -9.41 -31.29
CA VAL A 171 -30.59 -8.04 -31.45
C VAL A 171 -29.50 -7.73 -30.44
N SER A 172 -28.92 -6.55 -30.53
CA SER A 172 -27.89 -6.16 -29.59
C SER A 172 -28.46 -6.12 -28.19
N ASN A 173 -27.59 -6.11 -27.20
CA ASN A 173 -28.02 -6.00 -25.82
C ASN A 173 -28.84 -4.74 -25.60
N GLU A 174 -28.25 -3.62 -26.01
CA GLU A 174 -28.85 -2.32 -25.82
C GLU A 174 -30.20 -2.27 -26.54
N MET A 175 -30.33 -2.96 -27.67
CA MET A 175 -31.61 -2.96 -28.38
C MET A 175 -32.59 -3.76 -27.57
N GLY A 176 -32.09 -4.71 -26.80
CA GLY A 176 -32.94 -5.48 -25.92
C GLY A 176 -33.55 -4.51 -24.94
N LEU A 177 -32.71 -3.68 -24.35
CA LEU A 177 -33.23 -2.72 -23.38
C LEU A 177 -34.22 -1.77 -24.04
N LYS A 178 -33.90 -1.37 -25.27
CA LYS A 178 -34.67 -0.42 -26.04
C LYS A 178 -36.08 -0.95 -26.22
N VAL A 179 -36.15 -2.23 -26.58
CA VAL A 179 -37.41 -2.92 -26.71
C VAL A 179 -38.15 -2.94 -25.38
N LEU A 180 -37.41 -3.22 -24.31
CA LEU A 180 -38.05 -3.35 -23.01
C LEU A 180 -38.74 -2.05 -22.65
N GLU A 181 -38.01 -0.94 -22.68
CA GLU A 181 -38.57 0.32 -22.21
C GLU A 181 -39.56 0.96 -23.18
N THR A 182 -39.43 0.67 -24.47
CA THR A 182 -40.30 1.26 -25.48
C THR A 182 -41.61 0.50 -25.65
N ALA A 183 -41.53 -0.82 -25.82
CA ALA A 183 -42.71 -1.65 -26.05
C ALA A 183 -43.45 -1.99 -24.78
N PHE A 184 -42.74 -2.15 -23.67
CA PHE A 184 -43.41 -2.49 -22.42
C PHE A 184 -43.17 -1.45 -21.36
N PRO A 185 -43.73 -0.25 -21.54
CA PRO A 185 -43.44 0.71 -20.48
C PRO A 185 -44.32 0.49 -19.28
N GLU A 186 -45.29 -0.41 -19.36
CA GLU A 186 -46.18 -0.63 -18.22
C GLU A 186 -45.41 -1.20 -17.05
N PHE A 187 -44.21 -1.71 -17.30
CA PHE A 187 -43.30 -2.13 -16.24
C PHE A 187 -43.11 -1.04 -15.21
N LYS A 188 -43.27 0.21 -15.63
CA LYS A 188 -43.01 1.36 -14.76
C LYS A 188 -44.16 1.55 -13.79
N ASP A 189 -45.29 0.89 -14.07
CA ASP A 189 -46.50 1.06 -13.28
C ASP A 189 -46.60 0.06 -12.16
N LEU A 190 -45.60 -0.81 -12.06
CA LEU A 190 -45.54 -1.77 -10.96
C LEU A 190 -45.37 -1.02 -9.65
N LYS A 191 -46.18 -1.34 -8.67
CA LYS A 191 -46.04 -0.72 -7.38
C LYS A 191 -45.70 -1.79 -6.39
N PRO A 192 -44.80 -1.49 -5.45
CA PRO A 192 -44.35 -2.48 -4.49
C PRO A 192 -45.43 -2.83 -3.48
N GLU A 193 -45.64 -4.11 -3.26
CA GLU A 193 -46.62 -4.55 -2.28
C GLU A 193 -45.92 -5.20 -1.11
N SER A 194 -46.41 -4.86 0.07
CA SER A 194 -45.75 -5.20 1.31
C SER A 194 -46.01 -6.63 1.73
N THR A 195 -45.15 -7.17 2.59
CA THR A 195 -45.33 -8.52 3.08
C THR A 195 -45.48 -8.49 4.59
N THR A 196 -45.23 -9.62 5.24
CA THR A 196 -45.26 -9.70 6.69
C THR A 196 -43.86 -9.77 7.25
N LEU A 197 -42.89 -9.72 6.34
CA LEU A 197 -41.50 -9.82 6.70
C LEU A 197 -40.96 -8.47 7.14
N THR A 198 -40.14 -8.46 8.18
CA THR A 198 -39.54 -7.22 8.65
C THR A 198 -38.02 -7.37 8.82
N LEU A 199 -37.32 -6.25 8.95
CA LEU A 199 -35.91 -6.27 9.33
C LEU A 199 -35.82 -6.21 10.83
N ARG A 200 -34.88 -6.94 11.42
CA ARG A 200 -34.76 -6.95 12.87
C ARG A 200 -34.38 -5.58 13.39
N SER A 201 -34.96 -5.15 14.50
CA SER A 201 -34.68 -3.83 15.02
C SER A 201 -33.71 -3.92 16.17
N HIS A 202 -33.37 -5.14 16.55
CA HIS A 202 -32.32 -5.41 17.52
C HIS A 202 -31.99 -6.89 17.39
N MET A 203 -30.86 -7.33 17.91
CA MET A 203 -30.45 -8.72 17.71
C MET A 203 -31.35 -9.77 18.27
N THR A 204 -32.08 -9.43 19.32
CA THR A 204 -32.96 -10.36 19.99
C THR A 204 -33.92 -11.07 19.06
N SER A 205 -34.38 -10.35 18.05
CA SER A 205 -35.40 -10.86 17.17
C SER A 205 -34.85 -12.04 16.42
N GLY A 206 -33.54 -12.08 16.27
CA GLY A 206 -32.88 -13.23 15.70
C GLY A 206 -32.46 -14.20 16.78
N TRP A 207 -32.04 -13.70 17.93
CA TRP A 207 -31.54 -14.59 18.97
C TRP A 207 -32.56 -15.64 19.32
N PHE A 208 -33.81 -15.26 19.57
CA PHE A 208 -34.82 -16.25 19.89
C PHE A 208 -34.88 -17.37 18.83
N ILE A 209 -34.90 -17.00 17.56
CA ILE A 209 -35.00 -17.98 16.49
C ILE A 209 -33.79 -18.89 16.52
N THR A 210 -32.60 -18.33 16.70
CA THR A 210 -31.37 -19.11 16.71
C THR A 210 -31.32 -20.07 17.89
N LEU A 211 -31.70 -19.59 19.05
CA LEU A 211 -31.62 -20.35 20.27
C LEU A 211 -32.65 -21.45 20.29
N SER A 212 -33.81 -21.18 19.69
CA SER A 212 -34.89 -22.14 19.73
C SER A 212 -34.48 -23.41 19.04
N SER A 213 -33.64 -23.26 18.02
CA SER A 213 -33.17 -24.38 17.26
C SER A 213 -31.90 -24.93 17.85
N LEU A 214 -31.15 -24.10 18.55
CA LEU A 214 -29.81 -24.48 18.93
C LEU A 214 -29.71 -25.14 20.30
N ILE A 215 -30.57 -24.76 21.24
CA ILE A 215 -30.44 -25.26 22.62
C ILE A 215 -30.44 -26.77 22.71
N LYS A 216 -31.45 -27.40 22.11
CA LYS A 216 -31.61 -28.85 22.12
C LYS A 216 -30.40 -29.62 21.56
N LYS A 217 -29.58 -28.98 20.72
CA LYS A 217 -28.46 -29.66 20.07
C LYS A 217 -27.16 -29.54 20.83
N ARG A 218 -27.12 -28.64 21.81
CA ARG A 218 -25.87 -28.23 22.42
C ARG A 218 -25.79 -28.41 23.93
N LYS A 219 -24.57 -28.47 24.42
CA LYS A 219 -24.32 -28.59 25.84
C LYS A 219 -24.35 -27.19 26.45
N LEU A 220 -25.12 -26.99 27.52
CA LEU A 220 -25.17 -25.71 28.22
C LEU A 220 -24.09 -25.63 29.28
N PRO A 221 -23.63 -24.43 29.62
CA PRO A 221 -24.11 -23.11 29.22
C PRO A 221 -23.57 -22.64 27.90
N LEU A 222 -24.34 -21.84 27.18
CA LEU A 222 -23.89 -21.27 25.92
C LEU A 222 -23.56 -19.81 26.08
N LYS A 223 -22.49 -19.40 25.43
CA LYS A 223 -22.18 -18.00 25.39
C LYS A 223 -22.00 -17.62 23.95
N LEU A 224 -23.01 -16.96 23.40
CA LEU A 224 -22.98 -16.61 21.98
C LEU A 224 -22.91 -15.10 21.78
N PHE A 225 -22.39 -14.68 20.63
CA PHE A 225 -22.36 -13.26 20.32
C PHE A 225 -22.43 -13.03 18.82
N SER A 226 -22.96 -11.89 18.43
CA SER A 226 -22.96 -11.48 17.04
C SER A 226 -22.86 -9.97 16.99
N ILE A 227 -22.10 -9.44 16.03
CA ILE A 227 -21.96 -8.00 15.87
C ILE A 227 -22.39 -7.66 14.46
N ASP A 228 -23.61 -7.14 14.32
CA ASP A 228 -24.22 -7.11 12.99
C ASP A 228 -25.29 -6.03 12.90
N ARG A 229 -25.78 -5.75 11.69
CA ARG A 229 -26.66 -4.62 11.49
C ARG A 229 -28.08 -4.83 12.00
N CYS A 230 -28.68 -3.75 12.49
CA CYS A 230 -30.07 -3.71 12.89
C CYS A 230 -30.66 -2.44 12.34
N PHE A 231 -31.99 -2.41 12.18
CA PHE A 231 -32.65 -1.27 11.56
C PHE A 231 -33.83 -0.81 12.38
N ARG A 232 -33.89 0.48 12.64
CA ARG A 232 -35.04 1.04 13.32
C ARG A 232 -35.65 2.16 12.49
N ARG A 233 -36.97 2.24 12.53
CA ARG A 233 -37.71 3.28 11.88
C ARG A 233 -37.96 4.41 12.84
N GLU A 234 -37.10 5.41 12.85
CA GLU A 234 -37.26 6.44 13.86
C GLU A 234 -37.79 7.75 13.33
N GLN A 235 -38.18 8.61 14.26
CA GLN A 235 -38.74 9.90 13.92
C GLN A 235 -37.81 10.59 12.96
N ARG A 236 -36.54 10.70 13.35
CA ARG A 236 -35.49 11.33 12.57
C ARG A 236 -34.17 10.73 12.98
N GLU A 237 -33.13 11.00 12.23
CA GLU A 237 -31.81 10.59 12.68
C GLU A 237 -31.24 11.71 13.58
N ASP A 238 -30.50 11.29 14.59
CA ASP A 238 -29.98 12.17 15.63
C ASP A 238 -28.50 12.28 15.62
N ARG A 239 -28.03 13.08 16.56
CA ARG A 239 -26.66 13.10 16.99
C ARG A 239 -26.27 11.68 17.39
N SER A 240 -27.25 10.89 17.87
CA SER A 240 -26.93 9.55 18.33
C SER A 240 -27.84 8.43 17.81
N HIS A 241 -28.60 8.67 16.76
CA HIS A 241 -29.51 7.66 16.23
C HIS A 241 -29.46 7.58 14.72
N LEU A 242 -29.37 6.37 14.16
CA LEU A 242 -29.44 6.21 12.72
C LEU A 242 -30.50 5.21 12.31
N MET A 243 -30.93 5.26 11.05
CA MET A 243 -31.92 4.31 10.57
C MET A 243 -31.31 2.91 10.65
N SER A 244 -30.00 2.79 10.44
CA SER A 244 -29.34 1.52 10.59
C SER A 244 -28.11 1.57 11.46
N TYR A 245 -28.04 0.70 12.45
CA TYR A 245 -26.92 0.69 13.37
C TYR A 245 -26.34 -0.69 13.56
N HIS A 246 -25.25 -0.80 14.31
CA HIS A 246 -24.65 -2.09 14.58
C HIS A 246 -24.82 -2.51 16.03
N SER A 247 -25.36 -3.69 16.26
CA SER A 247 -25.48 -4.20 17.62
C SER A 247 -24.39 -5.20 17.91
N ALA A 248 -23.72 -5.02 19.05
CA ALA A 248 -22.69 -5.94 19.51
C ALA A 248 -23.29 -6.82 20.58
N SER A 249 -24.11 -7.76 20.13
CA SER A 249 -25.02 -8.48 21.00
C SER A 249 -24.52 -9.80 21.43
N CYS A 250 -25.03 -10.29 22.55
CA CYS A 250 -24.69 -11.61 23.02
C CYS A 250 -25.79 -12.20 23.84
N VAL A 251 -25.79 -13.52 23.96
CA VAL A 251 -26.68 -14.19 24.88
C VAL A 251 -25.91 -15.20 25.71
N VAL A 252 -26.26 -15.29 26.99
CA VAL A 252 -25.70 -16.29 27.88
C VAL A 252 -26.85 -17.18 28.31
N VAL A 253 -26.77 -18.47 28.01
CA VAL A 253 -27.83 -19.43 28.27
C VAL A 253 -27.42 -20.45 29.32
N GLY A 254 -28.19 -20.57 30.40
CA GLY A 254 -27.84 -21.51 31.44
C GLY A 254 -28.82 -21.51 32.59
N GLU A 255 -28.83 -22.59 33.37
CA GLU A 255 -29.82 -22.77 34.41
C GLU A 255 -29.74 -21.74 35.50
N ASP A 256 -28.58 -21.12 35.64
CA ASP A 256 -28.32 -20.25 36.77
C ASP A 256 -28.08 -18.82 36.35
N VAL A 257 -28.42 -18.50 35.11
CA VAL A 257 -28.18 -17.18 34.58
C VAL A 257 -29.06 -16.16 35.25
N SER A 258 -28.52 -14.98 35.51
CA SER A 258 -29.30 -13.90 36.04
C SER A 258 -28.81 -12.61 35.45
N VAL A 259 -29.36 -11.51 35.92
CA VAL A 259 -29.00 -10.19 35.44
C VAL A 259 -27.50 -9.88 35.67
N ASP A 260 -26.94 -10.45 36.73
CA ASP A 260 -25.54 -10.24 37.06
C ASP A 260 -24.62 -10.65 35.92
N ASP A 261 -25.07 -11.57 35.09
CA ASP A 261 -24.27 -11.99 33.96
C ASP A 261 -24.17 -10.84 32.99
N GLY A 262 -25.26 -10.08 32.87
CA GLY A 262 -25.24 -8.92 32.02
C GLY A 262 -24.30 -7.88 32.57
N LYS A 263 -24.28 -7.76 33.89
CA LYS A 263 -23.41 -6.75 34.49
C LYS A 263 -21.96 -7.07 34.22
N VAL A 264 -21.64 -8.35 34.31
CA VAL A 264 -20.28 -8.81 34.08
C VAL A 264 -19.85 -8.73 32.61
N VAL A 265 -20.77 -9.00 31.70
CA VAL A 265 -20.47 -8.85 30.29
C VAL A 265 -20.24 -7.38 29.95
N ALA A 266 -21.06 -6.48 30.48
CA ALA A 266 -20.87 -5.06 30.23
C ALA A 266 -19.54 -4.57 30.82
N GLU A 267 -19.19 -5.02 32.03
CA GLU A 267 -17.92 -4.62 32.61
C GLU A 267 -16.75 -5.15 31.81
N GLY A 268 -16.84 -6.41 31.39
CA GLY A 268 -15.75 -7.03 30.64
C GLY A 268 -15.57 -6.44 29.25
N LEU A 269 -16.66 -6.02 28.63
CA LEU A 269 -16.56 -5.40 27.33
C LEU A 269 -15.93 -4.04 27.49
N LEU A 270 -16.41 -3.27 28.45
CA LEU A 270 -15.93 -1.90 28.56
C LEU A 270 -14.51 -1.83 29.12
N ALA A 271 -14.15 -2.75 30.01
CA ALA A 271 -12.82 -2.78 30.59
C ALA A 271 -11.76 -2.92 29.52
N GLN A 272 -12.00 -3.79 28.56
CA GLN A 272 -11.05 -4.04 27.50
C GLN A 272 -10.86 -2.84 26.58
N PHE A 273 -11.74 -1.85 26.69
CA PHE A 273 -11.61 -0.68 25.84
C PHE A 273 -11.00 0.46 26.61
N GLY A 274 -10.74 0.22 27.89
CA GLY A 274 -10.06 1.20 28.71
C GLY A 274 -10.94 1.82 29.76
N PHE A 275 -12.25 1.65 29.65
CA PHE A 275 -13.19 2.25 30.58
C PHE A 275 -13.01 1.71 31.99
N THR A 276 -12.90 2.60 32.95
CA THR A 276 -12.82 2.17 34.35
C THR A 276 -14.08 2.55 35.09
N LYS A 277 -14.93 3.34 34.44
CA LYS A 277 -16.14 3.89 35.07
C LYS A 277 -17.31 3.86 34.09
N PHE A 278 -18.36 3.16 34.51
CA PHE A 278 -19.62 3.08 33.79
C PHE A 278 -20.73 3.03 34.82
N LYS A 279 -21.98 3.17 34.41
CA LYS A 279 -23.05 3.18 35.39
C LYS A 279 -24.24 2.39 34.89
N PHE A 280 -24.97 1.72 35.80
CA PHE A 280 -26.18 0.99 35.45
C PHE A 280 -27.42 1.78 35.85
N LYS A 281 -28.51 1.62 35.13
CA LYS A 281 -29.71 2.39 35.41
C LYS A 281 -30.92 1.70 34.83
N PRO A 282 -31.97 1.48 35.63
CA PRO A 282 -33.20 0.80 35.20
C PRO A 282 -33.81 1.37 33.95
N ASP A 283 -34.32 0.53 33.05
CA ASP A 283 -34.92 1.02 31.82
C ASP A 283 -36.41 1.09 32.02
N GLU A 284 -36.92 2.32 32.01
CA GLU A 284 -38.31 2.63 32.29
C GLU A 284 -39.25 1.89 31.37
N LYS A 285 -38.77 1.50 30.20
CA LYS A 285 -39.62 0.93 29.17
C LYS A 285 -40.23 -0.38 29.63
N LYS A 286 -39.41 -1.18 30.31
CA LYS A 286 -39.76 -2.51 30.73
C LYS A 286 -40.34 -3.29 29.58
N SER A 287 -39.65 -3.30 28.45
CA SER A 287 -40.05 -4.05 27.27
C SER A 287 -40.40 -5.47 27.66
N LYS A 288 -41.38 -6.06 26.99
CA LYS A 288 -42.01 -7.29 27.46
C LYS A 288 -41.25 -8.55 27.08
N TYR A 289 -40.20 -8.42 26.29
CA TYR A 289 -39.41 -9.58 25.96
C TYR A 289 -38.42 -9.85 27.06
N TYR A 290 -38.34 -8.93 28.01
CA TYR A 290 -37.46 -9.05 29.17
C TYR A 290 -38.30 -9.30 30.42
N THR A 291 -37.85 -10.22 31.26
CA THR A 291 -38.41 -10.44 32.59
C THR A 291 -38.57 -9.12 33.30
N PRO A 292 -39.67 -8.94 34.04
CA PRO A 292 -39.85 -7.69 34.76
C PRO A 292 -38.68 -7.30 35.64
N GLU A 293 -38.30 -6.03 35.53
CA GLU A 293 -37.32 -5.42 36.41
C GLU A 293 -35.91 -5.92 36.16
N THR A 294 -35.65 -6.47 34.99
CA THR A 294 -34.29 -6.88 34.66
C THR A 294 -33.72 -6.05 33.54
N GLN A 295 -34.55 -5.33 32.80
CA GLN A 295 -34.06 -4.53 31.69
C GLN A 295 -33.23 -3.38 32.22
N THR A 296 -31.96 -3.35 31.87
CA THR A 296 -31.00 -2.41 32.43
C THR A 296 -30.27 -1.63 31.37
N GLU A 297 -30.02 -0.36 31.64
CA GLU A 297 -29.29 0.52 30.74
C GLU A 297 -27.86 0.64 31.25
N VAL A 298 -26.90 0.69 30.33
CA VAL A 298 -25.50 0.87 30.67
C VAL A 298 -25.01 2.18 30.10
N TYR A 299 -24.44 3.03 30.94
CA TYR A 299 -23.98 4.35 30.57
C TYR A 299 -22.48 4.45 30.68
N ALA A 300 -21.86 5.15 29.74
CA ALA A 300 -20.43 5.44 29.82
C ALA A 300 -20.20 6.91 29.48
N TYR A 301 -19.08 7.45 29.93
CA TYR A 301 -18.86 8.88 29.89
C TYR A 301 -18.19 9.33 28.59
N HIS A 302 -18.88 10.22 27.88
CA HIS A 302 -18.36 10.85 26.66
C HIS A 302 -17.74 12.21 27.00
N PRO A 303 -16.40 12.29 27.01
CA PRO A 303 -15.68 13.49 27.45
C PRO A 303 -15.92 14.74 26.59
N LYS A 304 -15.87 14.64 25.26
CA LYS A 304 -16.09 15.81 24.42
C LYS A 304 -17.49 16.40 24.56
N LEU A 305 -18.47 15.54 24.83
CA LEU A 305 -19.85 15.97 24.96
C LEU A 305 -20.14 16.41 26.38
N GLY A 306 -19.27 16.01 27.30
CA GLY A 306 -19.43 16.37 28.68
C GLY A 306 -20.45 15.51 29.41
N GLU A 307 -21.33 14.86 28.66
CA GLU A 307 -22.43 14.09 29.24
C GLU A 307 -22.24 12.58 29.18
N TRP A 308 -23.02 11.86 29.99
CA TRP A 308 -23.03 10.41 29.99
C TRP A 308 -23.95 9.90 28.89
N ILE A 309 -23.50 8.87 28.19
CA ILE A 309 -24.22 8.40 27.02
C ILE A 309 -24.54 6.91 27.19
N GLU A 310 -25.66 6.46 26.63
CA GLU A 310 -26.11 5.07 26.74
C GLU A 310 -25.36 4.19 25.74
N VAL A 311 -24.52 3.30 26.23
CA VAL A 311 -23.74 2.45 25.34
C VAL A 311 -24.39 1.10 25.13
N ALA A 312 -25.08 0.58 26.13
CA ALA A 312 -25.64 -0.75 26.04
C ALA A 312 -26.93 -0.91 26.83
N THR A 313 -27.60 -2.03 26.57
CA THR A 313 -28.82 -2.40 27.28
C THR A 313 -28.75 -3.88 27.51
N PHE A 314 -29.15 -4.37 28.67
CA PHE A 314 -29.24 -5.81 28.81
C PHE A 314 -30.43 -6.24 29.66
N GLY A 315 -30.64 -7.54 29.76
CA GLY A 315 -31.74 -8.05 30.56
C GLY A 315 -31.84 -9.56 30.48
N VAL A 316 -32.84 -10.15 31.13
CA VAL A 316 -33.08 -11.58 31.05
C VAL A 316 -34.39 -11.83 30.35
N TYR A 317 -34.39 -12.63 29.28
CA TYR A 317 -35.61 -12.87 28.50
C TYR A 317 -36.75 -13.41 29.36
N SER A 318 -37.98 -13.09 28.97
CA SER A 318 -39.13 -13.48 29.73
C SER A 318 -39.46 -14.94 29.53
N PRO A 319 -39.65 -15.69 30.63
CA PRO A 319 -40.08 -17.07 30.55
C PRO A 319 -41.26 -17.31 29.60
N ILE A 320 -42.05 -16.28 29.34
CA ILE A 320 -43.17 -16.41 28.41
C ILE A 320 -42.67 -16.50 26.98
N ALA A 321 -41.68 -15.70 26.62
CA ALA A 321 -41.19 -15.70 25.24
C ALA A 321 -40.35 -16.94 25.01
N LEU A 322 -39.54 -17.23 26.01
CA LEU A 322 -38.71 -18.40 25.99
C LEU A 322 -39.59 -19.62 25.84
N ALA A 323 -40.71 -19.65 26.54
CA ALA A 323 -41.66 -20.75 26.42
C ALA A 323 -42.20 -20.82 25.01
N LYS A 324 -42.61 -19.70 24.44
CA LYS A 324 -43.10 -19.72 23.07
C LYS A 324 -42.04 -20.10 22.06
N TYR A 325 -40.79 -20.27 22.49
CA TYR A 325 -39.75 -20.71 21.56
C TYR A 325 -39.17 -22.04 21.99
N ASN A 326 -39.84 -22.68 22.93
CA ASN A 326 -39.45 -24.00 23.42
C ASN A 326 -38.14 -23.98 24.17
N ILE A 327 -37.89 -22.90 24.89
CA ILE A 327 -36.68 -22.77 25.69
C ILE A 327 -37.06 -22.73 27.15
N ASP A 328 -36.54 -23.66 27.94
CA ASP A 328 -37.00 -23.80 29.30
C ASP A 328 -35.94 -23.38 30.30
N VAL A 329 -35.01 -22.55 29.87
CA VAL A 329 -33.89 -22.19 30.72
C VAL A 329 -33.59 -20.68 30.56
N PRO A 330 -33.33 -19.96 31.66
CA PRO A 330 -33.16 -18.51 31.55
C PRO A 330 -32.03 -18.09 30.62
N VAL A 331 -32.15 -16.91 30.02
CA VAL A 331 -31.21 -16.40 29.02
C VAL A 331 -30.95 -14.92 29.21
N MET A 332 -29.71 -14.53 29.43
CA MET A 332 -29.38 -13.10 29.52
C MET A 332 -28.94 -12.51 28.16
N ASN A 333 -29.49 -11.36 27.80
CA ASN A 333 -29.23 -10.70 26.54
C ASN A 333 -28.43 -9.44 26.87
N LEU A 334 -27.42 -9.10 26.08
CA LEU A 334 -26.85 -7.76 26.16
C LEU A 334 -26.59 -7.24 24.77
N GLY A 335 -26.92 -5.99 24.53
CA GLY A 335 -26.67 -5.38 23.25
C GLY A 335 -26.02 -4.03 23.44
N LEU A 336 -24.83 -3.86 22.86
CA LEU A 336 -24.10 -2.62 22.93
C LEU A 336 -24.13 -1.97 21.56
N GLY A 337 -24.43 -0.68 21.48
CA GLY A 337 -24.44 -0.02 20.19
C GLY A 337 -23.05 0.37 19.76
N VAL A 338 -22.59 -0.20 18.65
CA VAL A 338 -21.22 -0.02 18.22
C VAL A 338 -20.93 1.45 17.98
N GLU A 339 -21.87 2.13 17.34
CA GLU A 339 -21.67 3.52 17.01
C GLU A 339 -21.54 4.40 18.25
N ARG A 340 -22.29 4.10 19.30
CA ARG A 340 -22.17 4.87 20.51
C ARG A 340 -20.77 4.75 21.09
N LEU A 341 -20.34 3.52 21.28
CA LEU A 341 -19.03 3.26 21.84
C LEU A 341 -17.99 3.92 20.98
N ALA A 342 -18.19 3.90 19.68
CA ALA A 342 -17.23 4.49 18.78
C ALA A 342 -17.19 5.99 18.97
N MET A 343 -18.33 6.60 19.16
CA MET A 343 -18.40 8.04 19.38
C MET A 343 -17.55 8.39 20.58
N ILE A 344 -17.64 7.59 21.63
CA ILE A 344 -16.86 7.89 22.82
C ILE A 344 -15.39 7.71 22.54
N ILE A 345 -15.05 6.61 21.89
CA ILE A 345 -13.66 6.25 21.62
C ILE A 345 -12.93 7.26 20.74
N TYR A 346 -13.56 7.69 19.66
CA TYR A 346 -12.88 8.53 18.66
C TYR A 346 -13.23 9.99 18.86
N GLY A 347 -14.09 10.28 19.82
CA GLY A 347 -14.40 11.65 20.16
C GLY A 347 -15.30 12.38 19.19
N TYR A 348 -16.13 11.65 18.45
CA TYR A 348 -17.14 12.30 17.63
C TYR A 348 -18.34 12.66 18.46
N GLU A 349 -19.06 13.70 18.06
CA GLU A 349 -20.23 14.12 18.81
C GLU A 349 -21.49 13.92 18.01
N ASP A 350 -21.35 13.42 16.79
CA ASP A 350 -22.48 13.24 15.88
C ASP A 350 -22.30 11.94 15.11
N VAL A 351 -23.09 10.90 15.40
CA VAL A 351 -22.94 9.66 14.64
C VAL A 351 -22.99 9.88 13.16
N ARG A 352 -23.80 10.79 12.67
CA ARG A 352 -23.96 10.86 11.24
C ARG A 352 -22.68 11.30 10.59
N ALA A 353 -21.92 12.11 11.31
CA ALA A 353 -20.68 12.65 10.79
C ALA A 353 -19.52 11.69 10.94
N MET A 354 -19.63 10.79 11.92
CA MET A 354 -18.65 9.73 12.15
C MET A 354 -18.80 8.55 11.20
N VAL A 355 -20.03 8.11 11.03
CA VAL A 355 -20.33 7.00 10.18
C VAL A 355 -20.13 7.38 8.72
N TYR A 356 -20.73 8.49 8.28
CA TYR A 356 -20.66 8.89 6.88
C TYR A 356 -19.88 10.17 6.68
N PRO A 357 -18.56 10.16 6.89
CA PRO A 357 -17.82 11.41 6.84
C PRO A 357 -17.64 11.95 5.44
N GLN A 358 -18.14 11.25 4.45
CA GLN A 358 -17.94 11.68 3.08
C GLN A 358 -18.92 12.77 2.73
N PHE A 359 -19.97 12.89 3.52
CA PHE A 359 -21.01 13.87 3.26
C PHE A 359 -20.75 15.15 4.04
N TYR A 360 -19.53 15.24 4.57
CA TYR A 360 -19.10 16.36 5.37
C TYR A 360 -17.79 16.86 4.80
N GLU A 361 -16.99 17.58 5.57
CA GLU A 361 -15.86 18.26 4.94
C GLU A 361 -14.52 17.65 5.31
N TYR A 362 -13.57 17.75 4.39
CA TYR A 362 -12.24 17.21 4.57
C TYR A 362 -11.22 18.33 4.56
N ARG A 363 -10.87 18.84 5.74
CA ARG A 363 -10.00 20.01 5.82
C ARG A 363 -8.55 19.60 5.59
N LEU A 364 -7.77 20.48 4.97
CA LEU A 364 -6.37 20.21 4.67
C LEU A 364 -5.49 20.81 5.75
N SER A 365 -4.61 20.01 6.34
CA SER A 365 -3.73 20.49 7.39
C SER A 365 -2.63 21.36 6.83
N ASP A 366 -1.79 21.93 7.69
CA ASP A 366 -0.71 22.76 7.21
C ASP A 366 0.18 21.92 6.34
N ARG A 367 0.43 20.70 6.75
CA ARG A 367 1.24 19.80 5.95
C ARG A 367 0.56 19.44 4.62
N ASP A 368 -0.74 19.21 4.67
CA ASP A 368 -1.47 18.87 3.46
C ASP A 368 -1.25 19.96 2.43
N ILE A 369 -1.33 21.22 2.85
CA ILE A 369 -1.22 22.32 1.92
C ILE A 369 0.21 22.51 1.50
N ALA A 370 1.13 22.29 2.42
CA ALA A 370 2.54 22.48 2.12
C ALA A 370 3.00 21.50 1.06
N GLY A 371 2.27 20.40 0.95
CA GLY A 371 2.63 19.40 -0.02
C GLY A 371 1.87 19.55 -1.30
N MET A 372 1.06 20.59 -1.39
CA MET A 372 0.29 20.85 -2.59
C MET A 372 0.79 22.09 -3.27
N ILE A 373 1.93 22.58 -2.79
CA ILE A 373 2.67 23.68 -3.39
C ILE A 373 3.80 23.15 -4.26
N ARG A 374 3.67 23.28 -5.57
CA ARG A 374 4.55 22.63 -6.53
C ARG A 374 5.42 23.60 -7.31
N VAL A 375 6.58 23.15 -7.80
CA VAL A 375 7.41 23.96 -8.67
C VAL A 375 6.86 23.88 -10.10
N ASP A 376 6.65 25.02 -10.75
CA ASP A 376 5.97 25.03 -12.03
C ASP A 376 6.82 24.49 -13.15
N LYS A 377 7.82 25.25 -13.58
CA LYS A 377 8.67 24.84 -14.69
C LYS A 377 10.00 24.35 -14.16
N VAL A 378 10.41 23.17 -14.60
CA VAL A 378 11.67 22.57 -14.18
C VAL A 378 12.28 21.95 -15.42
N PRO A 379 13.61 21.99 -15.56
CA PRO A 379 14.20 21.39 -16.75
C PRO A 379 14.03 19.89 -16.81
N ILE A 380 13.73 19.39 -18.01
CA ILE A 380 13.43 17.99 -18.24
C ILE A 380 14.66 17.13 -18.40
N LEU A 381 15.75 17.71 -18.87
CA LEU A 381 16.94 16.95 -19.19
C LEU A 381 17.88 16.94 -18.00
N ASP A 382 18.31 15.75 -17.58
CA ASP A 382 19.18 15.55 -16.41
C ASP A 382 20.32 16.54 -16.31
N GLU A 383 20.95 16.73 -17.45
CA GLU A 383 22.05 17.66 -17.69
C GLU A 383 21.75 19.03 -17.13
N PHE A 384 20.62 19.57 -17.58
CA PHE A 384 20.20 20.91 -17.24
C PHE A 384 19.62 20.98 -15.85
N TYR A 385 19.03 19.89 -15.37
CA TYR A 385 18.53 19.88 -14.01
C TYR A 385 19.71 20.07 -13.06
N ASN A 386 20.76 19.28 -13.27
CA ASN A 386 21.92 19.43 -12.42
C ASN A 386 22.58 20.77 -12.63
N PHE A 387 22.56 21.24 -13.86
CA PHE A 387 23.10 22.56 -14.16
C PHE A 387 22.40 23.58 -13.29
N ALA A 388 21.09 23.45 -13.21
CA ALA A 388 20.26 24.31 -12.38
C ALA A 388 20.68 24.26 -10.94
N ASN A 389 20.83 23.05 -10.38
CA ASN A 389 21.21 22.95 -8.97
C ASN A 389 22.52 23.64 -8.67
N GLU A 390 23.47 23.41 -9.55
CA GLU A 390 24.76 24.02 -9.39
C GLU A 390 24.66 25.54 -9.44
N LEU A 391 23.87 26.02 -10.39
CA LEU A 391 23.64 27.44 -10.56
C LEU A 391 23.01 28.05 -9.32
N ILE A 392 22.08 27.34 -8.71
CA ILE A 392 21.47 27.78 -7.48
C ILE A 392 22.54 27.98 -6.43
N ASP A 393 23.35 26.95 -6.21
CA ASP A 393 24.38 27.04 -5.18
C ASP A 393 25.36 28.18 -5.47
N ILE A 394 25.64 28.42 -6.74
CA ILE A 394 26.47 29.54 -7.15
C ILE A 394 25.89 30.88 -6.74
N CYS A 395 24.60 31.10 -7.04
CA CYS A 395 23.93 32.32 -6.62
C CYS A 395 23.94 32.46 -5.10
N ILE A 396 23.62 31.39 -4.39
CA ILE A 396 23.62 31.45 -2.95
C ILE A 396 25.02 31.76 -2.42
N ALA A 397 26.03 31.48 -3.23
CA ALA A 397 27.40 31.77 -2.80
C ALA A 397 27.77 33.22 -3.03
N ASN A 398 27.19 33.84 -4.05
CA ASN A 398 27.55 35.21 -4.41
C ASN A 398 26.42 36.19 -4.17
N LYS A 399 25.52 35.86 -3.25
CA LYS A 399 24.36 36.70 -3.06
C LYS A 399 24.74 38.05 -2.47
N ASP A 400 25.96 38.12 -1.95
CA ASP A 400 26.42 39.31 -1.24
C ASP A 400 27.59 40.00 -1.91
N LYS A 401 27.92 39.58 -3.12
CA LYS A 401 28.94 40.23 -3.91
C LYS A 401 28.60 41.70 -3.99
N GLU A 402 29.58 42.58 -3.80
CA GLU A 402 29.29 44.02 -3.79
C GLU A 402 29.24 44.56 -5.22
N SER A 403 28.20 45.32 -5.53
CA SER A 403 27.97 45.73 -6.91
C SER A 403 28.81 46.94 -7.29
N PRO A 404 29.10 47.11 -8.59
CA PRO A 404 28.71 46.26 -9.73
C PRO A 404 29.27 44.85 -9.67
N CYS A 405 28.39 43.88 -9.93
CA CYS A 405 28.77 42.49 -9.89
C CYS A 405 28.47 41.83 -11.19
N SER A 406 29.03 40.65 -11.34
CA SER A 406 28.70 39.76 -12.42
C SER A 406 29.20 38.40 -12.00
N VAL A 407 28.54 37.36 -12.48
CA VAL A 407 28.97 35.99 -12.23
C VAL A 407 28.68 35.22 -13.49
N GLU A 408 29.74 34.75 -14.13
CA GLU A 408 29.61 34.02 -15.37
C GLU A 408 29.65 32.54 -15.09
N VAL A 409 28.92 31.79 -15.90
CA VAL A 409 29.01 30.33 -15.92
C VAL A 409 28.91 29.89 -17.37
N LYS A 410 30.04 29.49 -17.92
CA LYS A 410 30.13 28.99 -19.27
C LYS A 410 30.22 27.49 -19.15
N ARG A 411 29.37 26.77 -19.87
CA ARG A 411 29.45 25.30 -19.96
C ARG A 411 28.97 24.72 -21.26
N GLU A 412 29.58 23.60 -21.62
CA GLU A 412 29.35 23.02 -22.92
C GLU A 412 28.48 21.79 -22.78
N PHE A 413 27.49 21.72 -23.65
CA PHE A 413 26.56 20.62 -23.62
C PHE A 413 26.63 19.91 -24.93
N ASN A 414 26.62 18.59 -24.89
CA ASN A 414 26.72 17.83 -26.11
C ASN A 414 25.40 17.12 -26.39
N PHE A 415 24.84 17.35 -27.57
CA PHE A 415 23.59 16.73 -27.97
C PHE A 415 23.81 15.90 -29.21
N ASN A 416 24.27 14.66 -29.03
CA ASN A 416 24.71 13.79 -30.11
C ASN A 416 25.87 14.41 -30.86
N GLY A 417 25.68 14.72 -32.13
CA GLY A 417 26.75 15.33 -32.89
C GLY A 417 27.17 16.68 -32.33
N GLU A 418 26.19 17.57 -32.14
CA GLU A 418 26.49 18.99 -31.97
C GLU A 418 26.77 19.37 -30.54
N ARG A 419 27.81 20.17 -30.34
CA ARG A 419 28.02 20.79 -29.04
C ARG A 419 27.44 22.18 -29.11
N ARG A 420 26.85 22.62 -28.00
CA ARG A 420 26.46 24.00 -27.84
C ARG A 420 27.10 24.50 -26.57
N VAL A 421 27.45 25.78 -26.53
CA VAL A 421 28.05 26.31 -25.34
C VAL A 421 27.12 27.37 -24.77
N ILE A 422 26.73 27.14 -23.52
CA ILE A 422 25.77 27.99 -22.83
C ILE A 422 26.53 28.91 -21.90
N LYS A 423 26.40 30.21 -22.15
CA LYS A 423 26.98 31.22 -21.27
C LYS A 423 25.85 31.86 -20.50
N VAL A 424 25.64 31.42 -19.27
CA VAL A 424 24.66 32.06 -18.41
C VAL A 424 25.39 33.00 -17.48
N GLU A 425 24.93 34.23 -17.46
CA GLU A 425 25.56 35.30 -16.72
C GLU A 425 24.54 35.97 -15.84
N ILE A 426 24.82 36.08 -14.55
CA ILE A 426 23.86 36.75 -13.68
C ILE A 426 24.58 37.91 -12.99
N PHE A 427 24.00 39.10 -13.09
CA PHE A 427 24.75 40.32 -12.82
C PHE A 427 24.03 41.39 -12.03
N GLU A 428 24.71 42.50 -11.79
CA GLU A 428 24.08 43.67 -11.15
C GLU A 428 24.87 44.91 -11.51
N ASN A 429 24.35 45.65 -12.48
CA ASN A 429 25.01 46.86 -12.96
C ASN A 429 25.11 48.00 -11.98
N GLU A 430 24.00 48.30 -11.33
CA GLU A 430 23.88 49.50 -10.54
C GLU A 430 24.65 49.37 -9.24
N PRO A 431 25.29 50.46 -8.80
CA PRO A 431 26.19 50.45 -7.64
C PRO A 431 25.45 50.52 -6.31
N ASN A 432 26.17 50.27 -5.23
CA ASN A 432 25.65 50.39 -3.87
C ASN A 432 24.65 49.29 -3.58
N LYS A 433 24.62 48.30 -4.45
CA LYS A 433 23.75 47.16 -4.27
C LYS A 433 24.61 45.92 -4.00
N LYS A 434 23.95 44.78 -3.94
CA LYS A 434 24.62 43.51 -3.85
C LYS A 434 24.12 42.72 -5.04
N LEU A 435 24.64 41.53 -5.27
CA LEU A 435 24.27 40.78 -6.46
C LEU A 435 22.80 40.40 -6.46
N LEU A 436 22.26 40.02 -5.31
CA LEU A 436 20.92 39.43 -5.32
C LEU A 436 19.80 40.13 -4.53
N GLY A 437 20.02 40.48 -3.27
CA GLY A 437 18.92 41.16 -2.64
C GLY A 437 18.37 40.41 -1.46
N PRO A 438 17.66 41.12 -0.59
CA PRO A 438 17.44 40.65 0.79
C PRO A 438 16.55 39.43 0.88
N SER A 439 15.85 39.08 -0.19
CA SER A 439 14.85 38.04 -0.07
C SER A 439 15.18 36.73 -0.79
N VAL A 440 16.29 36.66 -1.50
CA VAL A 440 16.57 35.49 -2.33
C VAL A 440 16.56 34.18 -1.59
N LEU A 441 16.75 34.18 -0.27
CA LEU A 441 16.77 32.91 0.43
C LEU A 441 15.51 32.66 1.25
N ASN A 442 14.48 33.47 1.00
CA ASN A 442 13.20 33.31 1.68
C ASN A 442 12.65 31.94 1.38
N GLU A 443 12.03 31.34 2.39
CA GLU A 443 11.59 29.96 2.36
C GLU A 443 10.09 29.93 2.59
N VAL A 444 9.37 29.18 1.77
CA VAL A 444 7.91 29.18 1.83
C VAL A 444 7.37 28.25 2.91
N TYR A 445 6.63 28.81 3.86
CA TYR A 445 6.06 28.07 4.97
C TYR A 445 4.56 28.07 4.90
N VAL A 446 3.94 27.11 5.57
CA VAL A 446 2.51 27.10 5.75
C VAL A 446 2.20 27.03 7.23
N TYR A 447 1.38 27.95 7.71
CA TYR A 447 0.96 27.96 9.10
C TYR A 447 -0.46 28.43 9.28
N ASP A 448 -1.21 27.66 10.07
CA ASP A 448 -2.61 27.92 10.35
C ASP A 448 -3.40 28.28 9.11
N GLY A 449 -3.18 27.52 8.03
CA GLY A 449 -3.98 27.68 6.84
C GLY A 449 -3.47 28.76 5.92
N ASN A 450 -2.42 29.46 6.36
CA ASN A 450 -1.80 30.55 5.60
C ASN A 450 -0.50 30.15 4.92
N ILE A 451 -0.20 30.79 3.81
CA ILE A 451 1.10 30.59 3.19
C ILE A 451 1.98 31.83 3.28
N TYR A 452 3.14 31.71 3.90
CA TYR A 452 4.03 32.87 4.05
C TYR A 452 5.38 32.60 3.46
N GLY A 453 5.90 33.48 2.64
CA GLY A 453 7.28 33.37 2.23
C GLY A 453 8.13 34.15 3.19
N ILE A 454 8.94 33.47 3.99
CA ILE A 454 9.62 34.08 5.13
C ILE A 454 11.14 34.12 4.98
N PRO A 455 11.76 35.26 5.33
CA PRO A 455 13.22 35.42 5.25
C PRO A 455 13.91 34.80 6.45
N PRO A 456 15.17 34.41 6.30
CA PRO A 456 15.84 33.67 7.36
C PRO A 456 16.08 34.52 8.60
N THR A 457 16.12 35.84 8.41
CA THR A 457 16.33 36.77 9.50
C THR A 457 15.41 37.94 9.28
N PHE A 458 15.02 38.60 10.35
CA PHE A 458 13.97 39.60 10.25
C PHE A 458 14.53 41.01 10.15
N GLU A 459 15.74 41.11 9.60
CA GLU A 459 16.32 42.42 9.37
C GLU A 459 15.42 43.14 8.40
N GLY A 460 15.00 44.35 8.75
CA GLY A 460 14.28 45.16 7.79
C GLY A 460 12.83 44.80 7.63
N VAL A 461 12.37 43.85 8.45
CA VAL A 461 10.98 43.43 8.38
C VAL A 461 10.15 44.33 9.25
N LYS A 462 8.99 44.70 8.72
CA LYS A 462 8.07 45.60 9.38
C LYS A 462 7.73 44.95 10.74
N GLU A 463 7.49 45.71 11.79
CA GLU A 463 7.56 45.06 13.08
C GLU A 463 6.28 44.46 13.63
N GLN A 464 5.13 44.91 13.16
CA GLN A 464 3.90 44.16 13.40
C GLN A 464 4.01 42.74 12.88
N TYR A 465 4.63 42.58 11.70
CA TYR A 465 4.72 41.30 11.04
C TYR A 465 5.60 40.30 11.79
N ILE A 466 6.68 40.77 12.39
CA ILE A 466 7.68 39.85 12.92
C ILE A 466 7.17 38.77 13.90
N PRO A 467 6.26 39.10 14.83
CA PRO A 467 5.89 37.97 15.70
C PRO A 467 5.07 36.92 14.97
N ILE A 468 4.27 37.34 14.00
CA ILE A 468 3.54 36.40 13.16
C ILE A 468 4.46 35.48 12.37
N LEU A 469 5.39 36.08 11.64
CA LEU A 469 6.28 35.30 10.80
C LEU A 469 7.21 34.45 11.65
N LYS A 470 7.53 34.92 12.84
CA LYS A 470 8.37 34.13 13.74
C LYS A 470 7.58 32.92 14.18
N LYS A 471 6.28 33.10 14.38
CA LYS A 471 5.47 32.00 14.85
C LYS A 471 5.24 30.99 13.74
N ALA A 472 4.98 31.48 12.53
CA ALA A 472 4.81 30.59 11.40
C ALA A 472 6.10 29.82 11.15
N LYS A 473 7.23 30.49 11.25
CA LYS A 473 8.49 29.83 11.02
C LYS A 473 8.75 28.78 12.10
N GLU A 474 8.20 28.98 13.29
CA GLU A 474 8.42 28.03 14.38
C GLU A 474 7.46 26.83 14.38
N GLU A 475 6.18 27.10 14.19
CA GLU A 475 5.13 26.10 14.32
C GLU A 475 4.64 25.55 12.99
N GLY A 476 4.73 26.35 11.94
CA GLY A 476 4.26 25.95 10.63
C GLY A 476 5.06 24.86 9.96
N VAL A 477 4.64 24.49 8.75
CA VAL A 477 5.29 23.44 7.99
C VAL A 477 5.96 24.02 6.78
N SER A 478 7.22 23.66 6.54
CA SER A 478 7.96 24.26 5.45
C SER A 478 7.82 23.49 4.19
N THR A 479 7.87 24.17 3.06
CA THR A 479 7.87 23.51 1.78
C THR A 479 9.29 23.14 1.40
N ASN A 480 10.25 23.65 2.16
CA ASN A 480 11.66 23.42 1.88
C ASN A 480 12.03 23.92 0.49
N ILE A 481 11.31 24.92 0.01
CA ILE A 481 11.64 25.62 -1.22
C ILE A 481 11.93 27.08 -0.92
N ARG A 482 13.08 27.57 -1.38
CA ARG A 482 13.45 28.97 -1.22
C ARG A 482 13.14 29.68 -2.52
N TYR A 483 13.04 31.01 -2.50
CA TYR A 483 12.73 31.74 -3.73
C TYR A 483 13.71 31.37 -4.83
N ILE A 484 15.00 31.40 -4.48
CA ILE A 484 16.06 31.18 -5.43
C ILE A 484 15.91 29.86 -6.18
N ASP A 485 15.36 28.86 -5.49
CA ASP A 485 15.18 27.53 -6.06
C ASP A 485 14.24 27.59 -7.27
N GLY A 486 13.05 28.13 -7.06
CA GLY A 486 12.07 28.14 -8.14
C GLY A 486 12.51 29.07 -9.23
N ILE A 487 13.20 30.12 -8.84
CA ILE A 487 13.62 31.11 -9.82
C ILE A 487 14.60 30.48 -10.79
N ILE A 488 15.60 29.80 -10.25
CA ILE A 488 16.63 29.24 -11.10
C ILE A 488 16.12 28.06 -11.91
N TYR A 489 15.23 27.24 -11.34
CA TYR A 489 14.66 26.17 -12.13
C TYR A 489 13.92 26.76 -13.31
N LYS A 490 13.27 27.90 -13.09
CA LYS A 490 12.57 28.58 -14.17
C LYS A 490 13.54 29.05 -15.25
N LEU A 491 14.66 29.62 -14.81
CA LEU A 491 15.69 30.11 -15.72
C LEU A 491 16.24 29.02 -16.62
N VAL A 492 16.70 27.93 -16.01
CA VAL A 492 17.27 26.84 -16.80
C VAL A 492 16.21 26.15 -17.65
N ALA A 493 14.97 26.09 -17.16
CA ALA A 493 13.91 25.53 -17.96
C ALA A 493 13.77 26.36 -19.20
N LYS A 494 14.03 27.65 -19.04
CA LYS A 494 13.92 28.57 -20.17
C LYS A 494 15.09 28.33 -21.11
N ILE A 495 16.25 27.92 -20.58
CA ILE A 495 17.37 27.55 -21.47
C ILE A 495 17.00 26.38 -22.37
N GLU A 496 16.43 25.33 -21.78
CA GLU A 496 15.96 24.17 -22.55
C GLU A 496 14.98 24.58 -23.65
N GLU A 497 14.04 25.41 -23.22
CA GLU A 497 12.99 25.92 -24.06
C GLU A 497 13.63 26.63 -25.24
N ALA A 498 14.67 27.39 -24.92
CA ALA A 498 15.39 28.16 -25.90
C ALA A 498 15.99 27.22 -26.93
N LEU A 499 16.72 26.21 -26.47
CA LEU A 499 17.37 25.27 -27.39
C LEU A 499 16.38 24.63 -28.36
N VAL A 500 15.24 24.17 -27.89
CA VAL A 500 14.32 23.59 -28.88
C VAL A 500 13.62 24.64 -29.72
N SER A 501 13.67 25.91 -29.32
CA SER A 501 12.96 26.94 -30.07
C SER A 501 13.81 27.74 -31.05
N ASN A 502 15.09 27.39 -31.16
CA ASN A 502 16.05 28.09 -32.01
C ASN A 502 16.18 29.53 -31.57
N VAL A 503 16.52 29.72 -30.30
CA VAL A 503 16.74 31.04 -29.75
C VAL A 503 18.13 31.05 -29.13
N ASP A 504 18.94 32.06 -29.42
CA ASP A 504 20.34 32.00 -29.04
C ASP A 504 20.67 32.93 -27.90
N GLU A 505 19.72 33.78 -27.57
CA GLU A 505 20.00 34.80 -26.59
C GLU A 505 18.73 35.20 -25.91
N PHE A 506 18.77 35.41 -24.60
CA PHE A 506 17.64 36.05 -23.96
C PHE A 506 18.03 36.61 -22.61
N LYS A 507 17.17 37.47 -22.09
CA LYS A 507 17.37 38.03 -20.77
C LYS A 507 16.26 37.51 -19.89
N PHE A 508 16.50 37.49 -18.59
CA PHE A 508 15.58 36.90 -17.65
C PHE A 508 15.77 37.64 -16.36
N ARG A 509 14.69 38.16 -15.81
CA ARG A 509 14.82 38.99 -14.63
C ARG A 509 13.68 38.78 -13.65
N VAL A 510 14.01 38.85 -12.37
CA VAL A 510 13.04 38.74 -11.30
C VAL A 510 13.28 39.93 -10.40
N PRO A 511 12.44 40.95 -10.51
CA PRO A 511 12.64 42.14 -9.70
C PRO A 511 12.14 41.98 -8.26
N ILE A 512 10.91 42.42 -8.00
CA ILE A 512 10.32 42.28 -6.69
C ILE A 512 9.29 41.19 -6.78
N VAL A 513 9.30 40.26 -5.84
CA VAL A 513 8.41 39.11 -5.94
C VAL A 513 7.08 39.39 -5.22
N ARG A 514 5.98 39.14 -5.90
CA ARG A 514 4.66 39.54 -5.39
C ARG A 514 3.67 38.40 -5.18
N SER A 515 3.89 37.29 -5.89
CA SER A 515 2.97 36.17 -5.84
C SER A 515 3.72 34.86 -5.85
N LEU A 516 3.01 33.75 -5.73
CA LEU A 516 3.66 32.46 -5.82
C LEU A 516 4.22 32.32 -7.22
N SER A 517 3.45 32.77 -8.20
CA SER A 517 3.85 32.66 -9.60
C SER A 517 5.21 33.29 -9.88
N ASP A 518 5.51 34.37 -9.18
CA ASP A 518 6.73 35.13 -9.43
C ASP A 518 7.98 34.33 -9.11
N ILE A 519 7.88 33.38 -8.19
CA ILE A 519 9.01 32.50 -7.93
C ILE A 519 8.76 31.11 -8.53
N ASN A 520 7.99 31.05 -9.61
CA ASN A 520 7.82 29.80 -10.35
C ASN A 520 7.16 28.68 -9.57
N LEU A 521 6.29 29.00 -8.64
CA LEU A 521 5.51 27.98 -7.93
C LEU A 521 4.04 28.10 -8.23
N LYS A 522 3.31 27.03 -7.98
CA LYS A 522 1.86 27.11 -8.03
C LYS A 522 1.27 26.22 -6.95
N ILE A 523 -0.02 26.37 -6.70
CA ILE A 523 -0.68 25.65 -5.63
C ILE A 523 -1.83 24.83 -6.19
N ASP A 524 -2.05 23.64 -5.65
CA ASP A 524 -3.13 22.78 -6.14
C ASP A 524 -4.45 23.48 -5.89
N GLU A 525 -5.35 23.44 -6.86
CA GLU A 525 -6.58 24.22 -6.78
C GLU A 525 -7.38 23.87 -5.53
N LEU A 526 -7.34 22.63 -5.11
CA LEU A 526 -8.07 22.20 -3.93
C LEU A 526 -7.58 22.93 -2.69
N ALA A 527 -6.31 23.32 -2.69
CA ALA A 527 -5.77 23.98 -1.53
C ALA A 527 -6.11 25.45 -1.60
N LEU A 528 -6.21 25.95 -2.81
CA LEU A 528 -6.57 27.34 -2.99
C LEU A 528 -8.00 27.54 -2.54
N LYS A 529 -8.89 26.70 -3.04
CA LYS A 529 -10.30 26.73 -2.69
C LYS A 529 -10.51 26.83 -1.20
N GLN A 530 -9.69 26.13 -0.43
CA GLN A 530 -9.81 26.17 1.01
C GLN A 530 -9.23 27.44 1.56
N ILE A 531 -8.05 27.82 1.05
CA ILE A 531 -7.35 28.99 1.56
C ILE A 531 -8.23 30.20 1.42
N MET A 532 -8.90 30.30 0.29
CA MET A 532 -9.85 31.35 0.06
C MET A 532 -11.06 31.15 0.96
N GLY A 533 -11.75 30.03 0.83
CA GLY A 533 -12.88 29.72 1.67
C GLY A 533 -12.70 30.00 3.16
N GLU A 534 -11.52 29.75 3.69
CA GLU A 534 -11.28 29.98 5.10
C GLU A 534 -10.82 31.41 5.29
N ASN A 535 -10.75 32.12 4.18
CA ASN A 535 -10.39 33.52 4.14
C ASN A 535 -9.06 33.80 4.83
N LYS A 536 -8.02 33.11 4.37
CA LYS A 536 -6.67 33.26 4.88
C LYS A 536 -5.78 33.78 3.78
N VAL A 537 -4.49 33.97 4.06
CA VAL A 537 -3.65 34.62 3.06
C VAL A 537 -2.55 33.78 2.46
N ILE A 538 -2.18 34.19 1.25
CA ILE A 538 -0.98 33.74 0.58
C ILE A 538 -0.11 34.97 0.41
N ASP A 539 0.80 35.17 1.35
CA ASP A 539 1.66 36.34 1.37
C ASP A 539 3.08 35.96 1.00
N VAL A 540 3.36 35.92 -0.30
CA VAL A 540 4.70 35.67 -0.76
C VAL A 540 5.17 36.94 -1.42
N ARG A 541 6.20 37.54 -0.82
CA ARG A 541 6.67 38.85 -1.19
C ARG A 541 8.10 39.05 -0.75
N GLY A 542 8.87 39.84 -1.52
CA GLY A 542 10.24 40.19 -1.19
C GLY A 542 11.00 40.81 -2.35
N PRO A 543 11.99 41.65 -2.06
CA PRO A 543 12.84 42.14 -3.15
C PRO A 543 13.95 41.14 -3.45
N VAL A 544 14.03 40.71 -4.70
CA VAL A 544 14.94 39.66 -5.09
C VAL A 544 15.46 40.10 -6.43
N PHE A 545 16.40 41.02 -6.49
CA PHE A 545 16.65 41.57 -7.81
C PHE A 545 17.68 40.75 -8.54
N LEU A 546 17.20 39.82 -9.36
CA LEU A 546 18.07 38.90 -10.07
C LEU A 546 17.99 39.18 -11.54
N ASN A 547 19.09 39.62 -12.10
CA ASN A 547 19.18 39.82 -13.55
C ASN A 547 20.10 38.81 -14.16
N ALA A 548 19.69 38.27 -15.29
CA ALA A 548 20.51 37.28 -15.97
C ALA A 548 20.37 37.42 -17.47
N LYS A 549 21.46 37.13 -18.16
CA LYS A 549 21.47 37.04 -19.60
C LYS A 549 22.02 35.69 -19.95
N VAL A 550 21.49 35.06 -20.99
CA VAL A 550 22.05 33.80 -21.43
C VAL A 550 22.26 33.85 -22.93
N GLU A 551 23.44 33.37 -23.32
CA GLU A 551 23.84 33.30 -24.70
C GLU A 551 24.10 31.85 -25.05
N ILE A 552 23.60 31.41 -26.20
CA ILE A 552 23.76 30.03 -26.61
C ILE A 552 24.52 29.97 -27.92
N LYS A 553 25.82 29.70 -27.85
CA LYS A 553 26.61 29.63 -29.06
C LYS A 553 26.85 28.18 -29.41
N MET B 15 -7.68 16.05 -18.87
CA MET B 15 -8.89 16.26 -19.66
C MET B 15 -9.91 15.16 -19.39
N ARG B 16 -10.98 15.54 -18.70
CA ARG B 16 -12.06 14.66 -18.30
C ARG B 16 -13.21 14.80 -19.29
N PHE B 17 -14.35 14.15 -19.07
CA PHE B 17 -15.37 14.22 -20.11
C PHE B 17 -16.52 15.16 -19.78
N ASP B 18 -17.23 15.58 -20.83
CA ASP B 18 -18.23 16.62 -20.72
C ASP B 18 -19.55 16.09 -20.18
N ILE B 19 -19.86 16.42 -18.94
CA ILE B 19 -21.08 15.93 -18.33
C ILE B 19 -22.32 16.40 -19.08
N LYS B 20 -22.33 17.64 -19.53
CA LYS B 20 -23.52 18.17 -20.17
C LYS B 20 -23.79 17.45 -21.50
N LYS B 21 -22.73 17.29 -22.31
CA LYS B 21 -22.87 16.65 -23.62
C LYS B 21 -23.35 15.23 -23.45
N VAL B 22 -22.85 14.57 -22.40
CA VAL B 22 -23.19 13.19 -22.13
C VAL B 22 -24.65 13.09 -21.76
N LEU B 23 -25.07 13.89 -20.79
CA LEU B 23 -26.46 13.87 -20.38
C LEU B 23 -27.40 14.13 -21.56
N GLU B 24 -27.01 15.04 -22.45
CA GLU B 24 -27.86 15.34 -23.61
C GLU B 24 -27.92 14.18 -24.59
N LEU B 25 -26.78 13.56 -24.84
CA LEU B 25 -26.72 12.46 -25.80
C LEU B 25 -27.55 11.31 -25.28
N ALA B 26 -27.43 11.09 -23.98
CA ALA B 26 -28.13 10.00 -23.32
C ALA B 26 -29.61 10.27 -23.29
N GLU B 27 -29.99 11.53 -23.21
CA GLU B 27 -31.39 11.85 -23.10
C GLU B 27 -32.06 11.79 -24.47
N LYS B 28 -31.29 11.97 -25.55
CA LYS B 28 -31.87 11.78 -26.88
C LYS B 28 -32.25 10.32 -27.09
N ASP B 29 -31.30 9.44 -26.80
CA ASP B 29 -31.52 8.01 -26.96
C ASP B 29 -30.57 7.21 -26.08
N PHE B 30 -31.06 6.77 -24.92
CA PHE B 30 -30.24 6.13 -23.90
C PHE B 30 -29.37 4.99 -24.39
N GLU B 31 -29.92 4.13 -25.24
CA GLU B 31 -29.20 2.94 -25.64
C GLU B 31 -28.02 3.25 -26.54
N THR B 32 -28.24 3.96 -27.63
CA THR B 32 -27.13 4.44 -28.44
C THR B 32 -26.09 5.11 -27.57
N ALA B 33 -26.52 5.97 -26.65
CA ALA B 33 -25.59 6.73 -25.83
C ALA B 33 -24.77 5.83 -24.94
N TRP B 34 -25.41 4.81 -24.38
CA TRP B 34 -24.75 3.87 -23.51
C TRP B 34 -23.71 3.09 -24.28
N ARG B 35 -24.05 2.64 -25.48
CA ARG B 35 -23.08 1.98 -26.34
C ARG B 35 -21.93 2.90 -26.75
N GLU B 36 -22.26 4.11 -27.21
CA GLU B 36 -21.28 5.04 -27.77
C GLU B 36 -20.35 5.64 -26.76
N THR B 37 -20.80 5.82 -25.53
CA THR B 37 -19.99 6.55 -24.55
C THR B 37 -18.84 5.72 -24.02
N ARG B 38 -18.66 4.53 -24.58
CA ARG B 38 -17.56 3.66 -24.20
C ARG B 38 -16.27 4.32 -24.64
N ALA B 39 -16.36 5.13 -25.68
CA ALA B 39 -15.20 5.82 -26.22
C ALA B 39 -14.69 6.89 -25.27
N LEU B 40 -15.50 7.27 -24.29
CA LEU B 40 -15.10 8.28 -23.32
C LEU B 40 -14.25 7.66 -22.22
N ILE B 41 -14.14 6.34 -22.23
CA ILE B 41 -13.34 5.64 -21.23
C ILE B 41 -12.06 5.19 -21.92
N LYS B 42 -11.01 5.98 -21.77
CA LYS B 42 -9.78 5.71 -22.50
C LYS B 42 -9.10 4.46 -22.00
N ASP B 43 -8.63 3.63 -22.93
CA ASP B 43 -7.87 2.45 -22.58
C ASP B 43 -6.52 2.85 -21.99
N LYS B 44 -5.87 1.95 -21.25
CA LYS B 44 -4.62 2.30 -20.58
C LYS B 44 -3.45 2.28 -21.54
N HIS B 45 -2.38 2.97 -21.17
CA HIS B 45 -1.15 2.93 -21.95
C HIS B 45 -0.68 1.50 -21.99
N ILE B 46 -0.22 1.05 -23.14
CA ILE B 46 0.16 -0.36 -23.34
C ILE B 46 1.10 -0.83 -22.25
N ASP B 47 1.94 0.08 -21.76
CA ASP B 47 2.87 -0.17 -20.65
C ASP B 47 2.16 -0.66 -19.41
N ASN B 48 0.95 -0.19 -19.21
CA ASN B 48 0.27 -0.37 -17.94
C ASN B 48 -0.98 -1.18 -18.05
N LYS B 49 -1.04 -2.07 -19.02
CA LYS B 49 -2.20 -2.91 -19.18
C LYS B 49 -1.91 -4.23 -18.49
N TYR B 50 -2.94 -4.92 -18.04
CA TYR B 50 -2.74 -6.20 -17.39
C TYR B 50 -2.24 -7.20 -18.41
N PRO B 51 -1.25 -8.04 -18.05
CA PRO B 51 -0.63 -8.33 -16.76
C PRO B 51 0.67 -7.58 -16.44
N ARG B 52 1.00 -6.51 -17.14
CA ARG B 52 2.19 -5.75 -16.80
C ARG B 52 1.90 -4.90 -15.59
N LEU B 53 0.62 -4.65 -15.36
CA LEU B 53 0.17 -3.94 -14.18
C LEU B 53 -0.03 -4.93 -13.06
N LYS B 54 0.75 -4.80 -11.99
CA LYS B 54 0.78 -5.80 -10.93
C LYS B 54 0.13 -5.27 -9.66
N PRO B 55 -0.48 -6.13 -8.84
CA PRO B 55 -0.97 -5.64 -7.56
C PRO B 55 0.14 -5.43 -6.56
N VAL B 56 -0.01 -4.44 -5.70
CA VAL B 56 0.97 -4.20 -4.65
C VAL B 56 0.34 -4.19 -3.28
N TYR B 57 0.83 -5.06 -2.41
CA TYR B 57 0.29 -5.20 -1.08
C TYR B 57 1.37 -5.65 -0.13
N GLY B 58 1.19 -5.41 1.15
CA GLY B 58 2.14 -5.86 2.15
C GLY B 58 2.02 -7.36 2.39
N LYS B 59 3.15 -8.02 2.57
CA LYS B 59 3.15 -9.46 2.75
C LYS B 59 3.72 -9.88 4.09
N PRO B 60 2.87 -10.42 4.97
CA PRO B 60 3.31 -10.96 6.26
C PRO B 60 4.27 -12.12 6.14
N HIS B 61 5.02 -12.39 7.21
CA HIS B 61 5.96 -13.50 7.28
C HIS B 61 5.26 -14.64 7.98
N PRO B 62 5.38 -15.86 7.49
CA PRO B 62 4.65 -16.96 8.12
C PRO B 62 4.93 -17.14 9.62
N VAL B 63 6.17 -16.94 10.06
CA VAL B 63 6.45 -17.17 11.45
C VAL B 63 5.79 -16.09 12.31
N MET B 64 5.76 -14.87 11.82
CA MET B 64 5.20 -13.79 12.60
C MET B 64 3.67 -13.79 12.55
N GLU B 65 3.13 -14.26 11.44
CA GLU B 65 1.70 -14.35 11.36
C GLU B 65 1.26 -15.47 12.28
N THR B 66 2.11 -16.48 12.43
CA THR B 66 1.76 -17.57 13.33
C THR B 66 1.89 -17.12 14.75
N ILE B 67 2.86 -16.25 15.03
CA ILE B 67 3.00 -15.68 16.36
C ILE B 67 1.75 -14.92 16.72
N GLU B 68 1.21 -14.12 15.80
CA GLU B 68 0.03 -13.36 16.14
C GLU B 68 -1.17 -14.24 16.37
N ARG B 69 -1.31 -15.25 15.52
CA ARG B 69 -2.44 -16.12 15.70
C ARG B 69 -2.33 -16.84 17.02
N LEU B 70 -1.10 -17.08 17.47
CA LEU B 70 -0.91 -17.72 18.77
C LEU B 70 -1.22 -16.78 19.93
N ARG B 71 -0.85 -15.51 19.83
CA ARG B 71 -1.28 -14.56 20.85
C ARG B 71 -2.76 -14.63 20.97
N GLN B 72 -3.47 -14.74 19.86
CA GLN B 72 -4.91 -14.69 19.96
C GLN B 72 -5.50 -16.01 20.45
N ALA B 73 -4.83 -17.12 20.17
CA ALA B 73 -5.29 -18.38 20.72
C ALA B 73 -5.15 -18.39 22.23
N TYR B 74 -4.08 -17.80 22.74
CA TYR B 74 -3.90 -17.69 24.17
C TYR B 74 -4.85 -16.68 24.79
N LEU B 75 -5.03 -15.54 24.14
CA LEU B 75 -5.89 -14.53 24.70
C LEU B 75 -7.32 -15.03 24.79
N ARG B 76 -7.74 -15.82 23.81
CA ARG B 76 -9.10 -16.30 23.77
C ARG B 76 -9.34 -17.42 24.77
N MET B 77 -8.31 -17.80 25.53
CA MET B 77 -8.48 -18.79 26.59
C MET B 77 -8.37 -18.14 27.95
N GLY B 78 -8.28 -16.83 27.97
CA GLY B 78 -8.27 -16.09 29.22
C GLY B 78 -6.90 -15.84 29.78
N PHE B 79 -5.86 -16.18 29.02
CA PHE B 79 -4.51 -16.02 29.48
C PHE B 79 -4.06 -14.57 29.40
N GLU B 80 -3.24 -14.18 30.38
CA GLU B 80 -2.73 -12.82 30.53
C GLU B 80 -1.33 -12.73 29.96
N GLU B 81 -1.09 -11.80 29.06
CA GLU B 81 0.16 -11.77 28.30
C GLU B 81 1.27 -11.09 29.06
N MET B 82 2.48 -11.66 29.00
CA MET B 82 3.60 -11.17 29.80
C MET B 82 4.83 -11.04 28.93
N ILE B 83 5.82 -10.30 29.43
CA ILE B 83 7.16 -10.34 28.85
C ILE B 83 8.09 -10.71 29.97
N ASN B 84 8.87 -11.75 29.79
CA ASN B 84 9.76 -12.22 30.85
C ASN B 84 11.19 -11.83 30.57
N PRO B 85 12.04 -11.80 31.62
CA PRO B 85 13.44 -11.53 31.35
C PRO B 85 14.00 -12.47 30.29
N VAL B 86 14.85 -11.93 29.43
CA VAL B 86 15.49 -12.70 28.37
C VAL B 86 16.82 -13.18 28.87
N ILE B 87 17.56 -12.27 29.49
CA ILE B 87 18.89 -12.53 30.03
C ILE B 87 18.77 -12.96 31.48
N VAL B 88 19.34 -14.10 31.84
CA VAL B 88 19.28 -14.58 33.21
C VAL B 88 20.62 -15.13 33.66
N ASP B 89 20.95 -14.94 34.94
CA ASP B 89 22.21 -15.42 35.46
C ASP B 89 22.24 -16.93 35.46
N GLU B 90 23.41 -17.51 35.35
CA GLU B 90 23.56 -18.95 35.30
C GLU B 90 23.01 -19.60 36.56
N MET B 91 23.10 -18.88 37.67
CA MET B 91 22.65 -19.43 38.93
C MET B 91 21.14 -19.66 38.92
N GLU B 92 20.43 -18.95 38.05
CA GLU B 92 19.01 -19.17 37.91
C GLU B 92 18.79 -20.57 37.37
N ILE B 93 19.64 -20.94 36.43
CA ILE B 93 19.55 -22.23 35.79
C ILE B 93 19.91 -23.31 36.81
N TYR B 94 20.88 -23.05 37.69
CA TYR B 94 21.14 -24.04 38.75
C TYR B 94 19.97 -24.17 39.72
N LYS B 95 19.27 -23.07 39.96
CA LYS B 95 18.10 -23.07 40.83
C LYS B 95 16.97 -23.92 40.27
N GLN B 96 16.73 -23.82 38.98
CA GLN B 96 15.64 -24.56 38.36
C GLN B 96 16.02 -26.01 38.05
N PHE B 97 17.18 -26.21 37.45
CA PHE B 97 17.61 -27.54 37.01
C PHE B 97 18.35 -28.35 38.07
N GLY B 98 18.72 -27.71 39.17
CA GLY B 98 19.49 -28.39 40.19
C GLY B 98 20.86 -28.69 39.66
N PRO B 99 21.47 -29.76 40.15
CA PRO B 99 22.78 -30.19 39.67
C PRO B 99 22.82 -30.48 38.18
N GLU B 100 21.71 -30.89 37.58
CA GLU B 100 21.67 -31.14 36.14
C GLU B 100 22.11 -29.93 35.32
N ALA B 101 22.12 -28.76 35.94
CA ALA B 101 22.45 -27.54 35.24
C ALA B 101 23.91 -27.51 34.82
N MET B 102 24.72 -28.39 35.39
CA MET B 102 26.14 -28.41 35.08
C MET B 102 26.32 -29.07 33.72
N ALA B 103 25.25 -29.69 33.25
CA ALA B 103 25.21 -30.28 31.92
C ALA B 103 24.32 -29.44 31.02
N VAL B 104 23.17 -29.04 31.53
CA VAL B 104 22.22 -28.31 30.71
C VAL B 104 22.79 -26.96 30.31
N LEU B 105 23.60 -26.35 31.15
CA LEU B 105 24.16 -25.03 30.85
C LEU B 105 25.04 -25.06 29.62
N ASP B 106 25.25 -26.24 29.05
CA ASP B 106 26.03 -26.33 27.83
C ASP B 106 25.25 -25.78 26.67
N ARG B 107 23.94 -25.96 26.70
CA ARG B 107 23.07 -25.52 25.61
C ARG B 107 22.83 -24.02 25.62
N CYS B 108 23.18 -23.34 26.69
CA CYS B 108 22.89 -21.92 26.80
C CYS B 108 24.04 -21.08 26.33
N PHE B 109 23.73 -19.93 25.74
CA PHE B 109 24.73 -18.97 25.33
C PHE B 109 25.13 -18.13 26.53
N TYR B 110 26.42 -17.95 26.79
CA TYR B 110 26.83 -17.00 27.80
C TYR B 110 26.99 -15.64 27.17
N LEU B 111 26.80 -14.60 27.96
CA LEU B 111 27.00 -13.26 27.44
C LEU B 111 28.38 -12.74 27.79
N ALA B 112 29.05 -12.15 26.80
CA ALA B 112 30.39 -11.66 26.99
C ALA B 112 30.48 -10.25 26.46
N GLY B 113 31.50 -9.51 26.85
CA GLY B 113 31.61 -8.15 26.36
C GLY B 113 33.01 -7.66 26.53
N LEU B 114 33.43 -6.77 25.64
CA LEU B 114 34.80 -6.33 25.72
C LEU B 114 34.91 -5.17 26.68
N PRO B 115 36.01 -5.11 27.44
CA PRO B 115 36.36 -4.07 28.39
C PRO B 115 36.55 -2.71 27.77
N ARG B 116 36.68 -1.71 28.61
CA ARG B 116 37.06 -0.40 28.14
C ARG B 116 38.56 -0.38 28.10
N PRO B 117 39.14 0.34 27.14
CA PRO B 117 40.59 0.38 27.12
C PRO B 117 41.12 1.49 28.00
N ASP B 118 42.23 1.22 28.68
CA ASP B 118 42.93 2.24 29.41
C ASP B 118 44.05 2.74 28.53
N VAL B 119 43.88 3.92 27.94
CA VAL B 119 44.93 4.48 27.10
C VAL B 119 45.13 5.92 27.45
N GLY B 120 46.33 6.40 27.17
CA GLY B 120 46.73 7.73 27.57
C GLY B 120 47.18 8.44 26.33
N LEU B 121 47.53 9.72 26.47
CA LEU B 121 47.95 10.45 25.31
C LEU B 121 49.47 10.34 25.25
N GLY B 122 50.21 11.36 25.68
CA GLY B 122 51.66 11.21 25.63
C GLY B 122 52.19 11.38 24.22
N ASN B 123 53.49 11.62 24.08
CA ASN B 123 53.97 12.41 22.96
C ASN B 123 54.03 11.64 21.65
N GLU B 124 54.21 10.33 21.72
CA GLU B 124 54.22 9.51 20.51
C GLU B 124 52.88 9.64 19.77
N LYS B 125 51.77 9.73 20.51
CA LYS B 125 50.44 9.86 19.91
C LYS B 125 50.13 11.27 19.47
N VAL B 126 50.57 12.23 20.28
CA VAL B 126 50.45 13.63 19.96
C VAL B 126 51.09 13.86 18.61
N GLU B 127 52.19 13.13 18.38
CA GLU B 127 52.90 13.26 17.12
C GLU B 127 52.06 12.76 15.98
N ILE B 128 51.45 11.58 16.15
CA ILE B 128 50.58 11.01 15.13
C ILE B 128 49.45 11.96 14.76
N ILE B 129 48.82 12.49 15.79
CA ILE B 129 47.72 13.41 15.62
C ILE B 129 48.19 14.66 14.86
N LYS B 130 49.39 15.18 15.16
CA LYS B 130 49.88 16.33 14.39
C LYS B 130 50.14 15.97 12.94
N ASN B 131 50.77 14.83 12.72
CA ASN B 131 51.05 14.38 11.37
C ASN B 131 49.79 14.13 10.57
N LEU B 132 48.65 14.11 11.25
CA LEU B 132 47.38 13.92 10.55
C LEU B 132 46.90 15.25 9.96
N GLY B 133 47.53 16.33 10.38
CA GLY B 133 47.17 17.62 9.86
C GLY B 133 46.41 18.41 10.89
N ILE B 134 46.31 17.84 12.07
CA ILE B 134 45.53 18.45 13.15
C ILE B 134 46.40 19.35 14.00
N ASP B 135 45.91 20.54 14.25
CA ASP B 135 46.61 21.46 15.14
C ASP B 135 46.15 21.23 16.57
N ILE B 136 47.03 20.71 17.42
CA ILE B 136 46.63 20.48 18.80
C ILE B 136 47.32 21.38 19.82
N ASP B 137 46.51 22.18 20.49
CA ASP B 137 46.90 22.99 21.63
C ASP B 137 47.33 22.11 22.78
N GLU B 138 47.66 22.73 23.89
CA GLU B 138 47.70 22.01 25.15
C GLU B 138 46.27 21.77 25.56
N GLU B 139 45.42 22.76 25.30
CA GLU B 139 44.02 22.69 25.65
C GLU B 139 43.35 21.52 24.97
N LYS B 140 43.48 21.42 23.65
CA LYS B 140 42.89 20.33 22.90
C LYS B 140 43.42 19.02 23.43
N LYS B 141 44.69 19.03 23.82
CA LYS B 141 45.29 17.80 24.30
C LYS B 141 44.65 17.37 25.61
N GLU B 142 44.22 18.34 26.40
CA GLU B 142 43.64 18.00 27.69
C GLU B 142 42.19 17.60 27.51
N ARG B 143 41.49 18.28 26.60
CA ARG B 143 40.13 17.91 26.28
C ARG B 143 40.05 16.45 25.82
N LEU B 144 40.97 16.05 24.95
CA LEU B 144 40.98 14.67 24.48
C LEU B 144 41.45 13.72 25.56
N ARG B 145 42.29 14.20 26.46
CA ARG B 145 42.77 13.33 27.53
C ARG B 145 41.57 12.97 28.42
N GLU B 146 40.65 13.93 28.57
CA GLU B 146 39.45 13.67 29.36
C GLU B 146 38.49 12.76 28.65
N VAL B 147 38.25 13.01 27.36
CA VAL B 147 37.40 12.09 26.60
C VAL B 147 37.87 10.66 26.74
N LEU B 148 39.19 10.46 26.77
CA LEU B 148 39.69 9.10 26.89
C LEU B 148 39.49 8.60 28.32
N HIS B 149 39.59 9.51 29.28
CA HIS B 149 39.35 9.12 30.67
C HIS B 149 37.92 8.63 30.83
N LEU B 150 36.97 9.51 30.53
CA LEU B 150 35.57 9.17 30.57
C LEU B 150 35.25 7.89 29.82
N TYR B 151 35.90 7.64 28.70
CA TYR B 151 35.64 6.36 28.04
C TYR B 151 36.15 5.21 28.88
N LYS B 152 37.29 5.35 29.54
CA LYS B 152 37.75 4.25 30.41
C LYS B 152 36.78 4.03 31.56
N LYS B 153 36.29 5.11 32.13
CA LYS B 153 35.44 5.07 33.32
C LYS B 153 33.99 4.75 32.97
N GLY B 154 33.72 4.48 31.70
CA GLY B 154 32.41 4.05 31.27
C GLY B 154 31.38 5.14 31.09
N ALA B 155 31.82 6.38 31.01
CA ALA B 155 30.89 7.50 30.94
C ALA B 155 30.59 7.97 29.53
N ILE B 156 31.18 7.32 28.53
CA ILE B 156 30.89 7.63 27.14
C ILE B 156 30.54 6.35 26.41
N ASP B 157 29.50 6.39 25.60
CA ASP B 157 29.04 5.21 24.88
C ASP B 157 29.96 5.00 23.69
N GLY B 158 30.00 3.81 23.13
CA GLY B 158 30.80 3.62 21.94
C GLY B 158 30.25 4.44 20.80
N ASP B 159 28.93 4.44 20.67
CA ASP B 159 28.18 5.28 19.73
C ASP B 159 28.74 6.67 19.60
N ASP B 160 29.10 7.20 20.76
CA ASP B 160 29.34 8.61 20.91
C ASP B 160 30.80 8.96 20.89
N LEU B 161 31.69 8.00 20.70
CA LEU B 161 33.08 8.35 20.97
C LEU B 161 33.74 9.13 19.83
N VAL B 162 33.45 8.77 18.58
CA VAL B 162 33.95 9.55 17.46
C VAL B 162 33.46 10.99 17.56
N PHE B 163 32.23 11.19 18.01
CA PHE B 163 31.72 12.53 18.18
C PHE B 163 32.51 13.29 19.21
N GLU B 164 32.82 12.65 20.32
CA GLU B 164 33.41 13.37 21.42
C GLU B 164 34.83 13.74 21.08
N ILE B 165 35.55 12.81 20.47
CA ILE B 165 36.91 13.04 20.04
C ILE B 165 36.95 14.24 19.12
N ALA B 166 36.11 14.24 18.10
CA ALA B 166 36.07 15.36 17.19
C ALA B 166 35.83 16.64 17.97
N LYS B 167 34.86 16.61 18.87
CA LYS B 167 34.48 17.79 19.63
C LYS B 167 35.65 18.30 20.42
N ALA B 168 36.44 17.37 20.94
CA ALA B 168 37.60 17.71 21.75
C ALA B 168 38.62 18.48 20.95
N LEU B 169 38.93 17.99 19.75
CA LEU B 169 40.02 18.54 18.97
C LEU B 169 39.56 19.60 18.00
N ASN B 170 38.27 19.86 18.01
CA ASN B 170 37.66 20.79 17.06
C ASN B 170 38.02 20.41 15.64
N VAL B 171 37.83 19.14 15.30
CA VAL B 171 38.02 18.67 13.94
C VAL B 171 36.71 18.09 13.41
N SER B 172 36.68 17.71 12.14
CA SER B 172 35.51 17.11 11.55
C SER B 172 35.18 15.82 12.23
N ASN B 173 33.97 15.33 12.02
CA ASN B 173 33.59 14.03 12.56
C ASN B 173 34.48 12.92 12.07
N GLU B 174 34.61 12.88 10.74
CA GLU B 174 35.36 11.83 10.09
C GLU B 174 36.79 11.84 10.60
N MET B 175 37.34 13.01 10.87
CA MET B 175 38.69 13.00 11.41
C MET B 175 38.73 12.61 12.86
N GLY B 176 37.62 12.75 13.57
CA GLY B 176 37.58 12.24 14.92
C GLY B 176 37.85 10.77 14.77
N LEU B 177 37.14 10.15 13.83
CA LEU B 177 37.32 8.71 13.62
C LEU B 177 38.75 8.40 13.23
N LYS B 178 39.33 9.23 12.36
CA LYS B 178 40.70 9.02 11.92
C LYS B 178 41.68 9.03 13.08
N VAL B 179 41.53 9.99 13.97
CA VAL B 179 42.34 10.05 15.16
C VAL B 179 42.17 8.75 15.92
N LEU B 180 40.93 8.31 16.04
CA LEU B 180 40.66 7.12 16.83
C LEU B 180 41.42 5.92 16.29
N GLU B 181 41.26 5.63 15.00
CA GLU B 181 41.85 4.42 14.44
C GLU B 181 43.36 4.50 14.23
N THR B 182 43.88 5.71 14.02
CA THR B 182 45.31 5.93 13.79
C THR B 182 46.15 6.05 15.07
N ALA B 183 45.72 6.91 16.00
CA ALA B 183 46.46 7.14 17.23
C ALA B 183 46.22 6.06 18.26
N PHE B 184 45.02 5.52 18.32
CA PHE B 184 44.73 4.49 19.31
C PHE B 184 44.29 3.20 18.67
N PRO B 185 45.18 2.53 17.93
CA PRO B 185 44.68 1.30 17.32
C PRO B 185 44.65 0.15 18.29
N GLU B 186 45.15 0.32 19.50
CA GLU B 186 45.13 -0.78 20.46
C GLU B 186 43.70 -1.12 20.86
N PHE B 187 42.75 -0.24 20.55
CA PHE B 187 41.35 -0.55 20.73
C PHE B 187 41.00 -1.87 20.07
N LYS B 188 41.74 -2.25 19.03
CA LYS B 188 41.45 -3.46 18.26
C LYS B 188 41.90 -4.71 19.00
N ASP B 189 42.71 -4.51 20.04
CA ASP B 189 43.29 -5.62 20.80
C ASP B 189 42.44 -6.00 21.98
N LEU B 190 41.32 -5.31 22.15
CA LEU B 190 40.36 -5.66 23.18
C LEU B 190 39.76 -7.02 22.89
N LYS B 191 39.72 -7.88 23.89
CA LYS B 191 39.13 -9.19 23.70
C LYS B 191 37.97 -9.32 24.66
N PRO B 192 36.89 -10.00 24.25
CA PRO B 192 35.66 -10.10 25.02
C PRO B 192 35.82 -10.95 26.26
N GLU B 193 35.32 -10.46 27.40
CA GLU B 193 35.38 -11.23 28.63
C GLU B 193 34.00 -11.71 28.99
N SER B 194 33.92 -12.96 29.36
CA SER B 194 32.64 -13.60 29.57
C SER B 194 32.11 -13.25 30.94
N THR B 195 30.81 -13.37 31.14
CA THR B 195 30.24 -13.09 32.44
C THR B 195 29.54 -14.32 32.94
N THR B 196 28.63 -14.15 33.90
CA THR B 196 27.84 -15.26 34.39
C THR B 196 26.43 -15.19 33.83
N LEU B 197 26.19 -14.18 33.01
CA LEU B 197 24.88 -13.96 32.43
C LEU B 197 24.69 -14.81 31.19
N THR B 198 23.51 -15.40 31.04
CA THR B 198 23.23 -16.21 29.88
C THR B 198 21.93 -15.77 29.21
N LEU B 199 21.70 -16.21 27.97
CA LEU B 199 20.41 -16.01 27.33
C LEU B 199 19.53 -17.20 27.66
N ARG B 200 18.23 -16.95 27.88
CA ARG B 200 17.33 -18.03 28.23
C ARG B 200 17.20 -19.02 27.09
N SER B 201 17.15 -20.31 27.40
CA SER B 201 17.06 -21.34 26.38
C SER B 201 15.66 -21.87 26.27
N HIS B 202 14.80 -21.39 27.15
CA HIS B 202 13.37 -21.65 27.07
C HIS B 202 12.69 -20.67 28.02
N MET B 203 11.39 -20.45 27.88
CA MET B 203 10.71 -19.42 28.66
C MET B 203 10.75 -19.65 30.14
N THR B 204 10.86 -20.90 30.54
CA THR B 204 10.86 -21.27 31.92
C THR B 204 11.87 -20.50 32.73
N SER B 205 13.01 -20.21 32.13
CA SER B 205 14.10 -19.59 32.85
C SER B 205 13.68 -18.21 33.27
N GLY B 206 12.74 -17.64 32.56
CA GLY B 206 12.14 -16.38 32.96
C GLY B 206 10.92 -16.57 33.83
N TRP B 207 10.11 -17.60 33.56
CA TRP B 207 8.85 -17.73 34.29
C TRP B 207 9.08 -17.76 35.78
N PHE B 208 9.99 -18.59 36.24
CA PHE B 208 10.29 -18.68 37.67
C PHE B 208 10.54 -17.29 38.24
N ILE B 209 11.41 -16.52 37.58
CA ILE B 209 11.75 -15.21 38.11
C ILE B 209 10.49 -14.37 38.18
N THR B 210 9.72 -14.38 37.12
CA THR B 210 8.52 -13.58 37.06
C THR B 210 7.55 -14.06 38.14
N LEU B 211 7.42 -15.36 38.26
CA LEU B 211 6.41 -15.87 39.16
C LEU B 211 6.84 -15.59 40.57
N SER B 212 8.15 -15.63 40.83
CA SER B 212 8.60 -15.48 42.18
C SER B 212 8.21 -14.12 42.70
N SER B 213 8.13 -13.16 41.81
CA SER B 213 7.83 -11.83 42.25
C SER B 213 6.34 -11.59 42.24
N LEU B 214 5.64 -12.33 41.42
CA LEU B 214 4.27 -11.98 41.10
C LEU B 214 3.22 -12.67 41.97
N ILE B 215 3.50 -13.90 42.39
CA ILE B 215 2.51 -14.70 43.11
C ILE B 215 1.98 -13.99 44.33
N LYS B 216 2.89 -13.47 45.17
CA LYS B 216 2.50 -12.74 46.39
C LYS B 216 1.59 -11.54 46.14
N LYS B 217 1.61 -10.97 44.94
CA LYS B 217 0.86 -9.76 44.68
C LYS B 217 -0.50 -10.00 44.08
N ARG B 218 -0.78 -11.23 43.65
CA ARG B 218 -1.93 -11.52 42.82
C ARG B 218 -2.86 -12.59 43.35
N LYS B 219 -4.10 -12.57 42.90
CA LYS B 219 -5.07 -13.60 43.30
C LYS B 219 -4.94 -14.80 42.39
N LEU B 220 -4.82 -15.98 42.97
CA LEU B 220 -4.72 -17.21 42.17
C LEU B 220 -6.11 -17.70 41.82
N PRO B 221 -6.25 -18.43 40.70
CA PRO B 221 -5.23 -18.94 39.81
C PRO B 221 -4.79 -17.94 38.75
N LEU B 222 -3.54 -18.06 38.32
CA LEU B 222 -3.00 -17.22 37.28
C LEU B 222 -2.86 -17.99 35.99
N LYS B 223 -3.16 -17.34 34.89
CA LYS B 223 -2.90 -17.92 33.61
C LYS B 223 -2.10 -16.93 32.82
N LEU B 224 -0.81 -17.16 32.68
CA LEU B 224 0.04 -16.23 31.99
C LEU B 224 0.60 -16.83 30.71
N PHE B 225 0.97 -15.98 29.76
CA PHE B 225 1.57 -16.47 28.54
C PHE B 225 2.53 -15.45 27.98
N SER B 226 3.54 -15.92 27.26
CA SER B 226 4.46 -15.06 26.56
C SER B 226 4.92 -15.76 25.30
N ILE B 227 5.03 -15.03 24.19
CA ILE B 227 5.50 -15.62 22.95
C ILE B 227 6.70 -14.82 22.48
N ASP B 228 7.89 -15.36 22.72
CA ASP B 228 9.09 -14.55 22.61
C ASP B 228 10.32 -15.40 22.35
N ARG B 229 11.45 -14.78 22.04
CA ARG B 229 12.62 -15.51 21.58
C ARG B 229 13.35 -16.26 22.67
N CYS B 230 13.92 -17.40 22.29
CA CYS B 230 14.77 -18.20 23.15
C CYS B 230 15.97 -18.60 22.31
N PHE B 231 17.08 -18.92 22.96
CA PHE B 231 18.31 -19.23 22.23
C PHE B 231 18.94 -20.50 22.75
N ARG B 232 19.33 -21.37 21.82
CA ARG B 232 20.05 -22.59 22.15
C ARG B 232 21.36 -22.75 21.40
N ARG B 233 22.35 -23.35 22.04
CA ARG B 233 23.58 -23.73 21.36
C ARG B 233 23.42 -25.16 20.87
N GLU B 234 23.06 -25.34 19.62
CA GLU B 234 22.83 -26.69 19.16
C GLU B 234 24.09 -27.13 18.46
N GLN B 235 24.25 -28.43 18.26
CA GLN B 235 25.43 -28.91 17.55
C GLN B 235 25.47 -28.21 16.21
N ARG B 236 24.34 -28.22 15.52
CA ARG B 236 24.18 -27.60 14.21
C ARG B 236 22.72 -27.25 14.03
N GLU B 237 22.40 -26.46 13.01
CA GLU B 237 20.99 -26.20 12.73
C GLU B 237 20.40 -27.28 11.80
N ASP B 238 19.13 -27.58 12.01
CA ASP B 238 18.42 -28.67 11.36
C ASP B 238 17.34 -28.20 10.44
N ARG B 239 16.69 -29.17 9.82
CA ARG B 239 15.39 -28.97 9.22
C ARG B 239 14.45 -28.42 10.28
N SER B 240 14.68 -28.75 11.55
CA SER B 240 13.77 -28.35 12.60
C SER B 240 14.39 -27.67 13.84
N HIS B 241 15.62 -27.21 13.73
CA HIS B 241 16.30 -26.57 14.86
C HIS B 241 17.04 -25.33 14.41
N LEU B 242 16.87 -24.22 15.11
CA LEU B 242 17.65 -23.02 14.81
C LEU B 242 18.33 -22.55 16.07
N MET B 243 19.39 -21.75 15.94
CA MET B 243 20.09 -21.25 17.11
C MET B 243 19.14 -20.39 17.93
N SER B 244 18.22 -19.71 17.28
CA SER B 244 17.23 -18.92 17.99
C SER B 244 15.83 -19.20 17.52
N TYR B 245 14.93 -19.51 18.45
CA TYR B 245 13.57 -19.84 18.09
C TYR B 245 12.57 -19.07 18.91
N HIS B 246 11.29 -19.22 18.62
CA HIS B 246 10.25 -18.56 19.38
C HIS B 246 9.47 -19.54 20.22
N SER B 247 9.34 -19.28 21.51
CA SER B 247 8.52 -20.11 22.35
C SER B 247 7.20 -19.45 22.64
N ALA B 248 6.11 -20.20 22.47
CA ALA B 248 4.77 -19.74 22.77
C ALA B 248 4.35 -20.33 24.09
N SER B 249 4.92 -19.80 25.16
CA SER B 249 4.90 -20.44 26.46
C SER B 249 3.84 -19.89 27.34
N CYS B 250 3.42 -20.69 28.32
CA CYS B 250 2.47 -20.22 29.30
C CYS B 250 2.65 -20.96 30.60
N VAL B 251 2.15 -20.36 31.67
CA VAL B 251 2.08 -21.04 32.95
C VAL B 251 0.70 -20.89 33.56
N VAL B 252 0.21 -21.95 34.18
CA VAL B 252 -1.03 -21.93 34.92
C VAL B 252 -0.68 -22.19 36.37
N VAL B 253 -0.99 -21.23 37.24
CA VAL B 253 -0.61 -21.29 38.65
C VAL B 253 -1.82 -21.43 39.53
N GLY B 254 -1.87 -22.45 40.36
CA GLY B 254 -3.03 -22.64 41.20
C GLY B 254 -2.92 -23.88 42.05
N GLU B 255 -3.69 -23.91 43.13
CA GLU B 255 -3.55 -24.96 44.11
C GLU B 255 -3.87 -26.31 43.55
N ASP B 256 -4.60 -26.35 42.44
CA ASP B 256 -5.09 -27.61 41.94
C ASP B 256 -4.56 -28.02 40.56
N VAL B 257 -3.55 -27.35 40.04
CA VAL B 257 -3.07 -27.68 38.70
C VAL B 257 -2.34 -29.00 38.67
N SER B 258 -2.49 -29.70 37.55
CA SER B 258 -1.80 -30.94 37.30
C SER B 258 -1.48 -30.96 35.82
N VAL B 259 -0.95 -32.07 35.32
CA VAL B 259 -0.62 -32.16 33.90
C VAL B 259 -1.84 -31.97 32.99
N ASP B 260 -3.01 -32.35 33.48
CA ASP B 260 -4.23 -32.24 32.70
C ASP B 260 -4.45 -30.82 32.22
N ASP B 261 -3.94 -29.84 32.94
CA ASP B 261 -4.06 -28.46 32.52
C ASP B 261 -3.20 -28.25 31.29
N GLY B 262 -2.07 -28.92 31.25
CA GLY B 262 -1.22 -28.87 30.09
C GLY B 262 -1.89 -29.51 28.90
N LYS B 263 -2.62 -30.59 29.17
CA LYS B 263 -3.29 -31.28 28.09
C LYS B 263 -4.38 -30.41 27.48
N VAL B 264 -5.15 -29.72 28.31
CA VAL B 264 -6.20 -28.86 27.75
C VAL B 264 -5.62 -27.60 27.11
N VAL B 265 -4.52 -27.08 27.62
CA VAL B 265 -3.90 -25.95 26.95
C VAL B 265 -3.38 -26.36 25.59
N ALA B 266 -2.73 -27.52 25.49
CA ALA B 266 -2.22 -27.99 24.21
C ALA B 266 -3.37 -28.26 23.24
N GLU B 267 -4.44 -28.86 23.74
CA GLU B 267 -5.59 -29.10 22.88
C GLU B 267 -6.25 -27.82 22.43
N GLY B 268 -6.40 -26.86 23.32
CA GLY B 268 -7.05 -25.59 23.00
C GLY B 268 -6.23 -24.76 22.05
N LEU B 269 -4.92 -24.85 22.15
CA LEU B 269 -4.05 -24.14 21.23
C LEU B 269 -4.18 -24.77 19.87
N LEU B 270 -4.10 -26.10 19.81
CA LEU B 270 -4.07 -26.75 18.52
C LEU B 270 -5.45 -26.74 17.84
N ALA B 271 -6.51 -26.83 18.61
CA ALA B 271 -7.87 -26.81 18.09
C ALA B 271 -8.14 -25.55 17.31
N GLN B 272 -7.71 -24.42 17.85
CA GLN B 272 -7.95 -23.14 17.21
C GLN B 272 -7.20 -23.00 15.92
N PHE B 273 -6.26 -23.89 15.66
CA PHE B 273 -5.50 -23.81 14.44
C PHE B 273 -6.01 -24.80 13.41
N GLY B 274 -7.00 -25.59 13.80
CA GLY B 274 -7.64 -26.51 12.88
C GLY B 274 -7.35 -27.96 13.16
N PHE B 275 -6.36 -28.24 13.99
CA PHE B 275 -5.97 -29.58 14.34
C PHE B 275 -7.04 -30.34 15.09
N THR B 276 -7.36 -31.54 14.64
CA THR B 276 -8.33 -32.39 15.34
C THR B 276 -7.60 -33.58 15.93
N LYS B 277 -6.32 -33.64 15.64
CA LYS B 277 -5.48 -34.81 15.85
C LYS B 277 -4.07 -34.47 16.40
N PHE B 278 -3.78 -34.93 17.61
CA PHE B 278 -2.46 -34.75 18.18
C PHE B 278 -2.15 -35.91 19.10
N LYS B 279 -0.92 -36.02 19.56
CA LYS B 279 -0.55 -37.17 20.39
C LYS B 279 0.30 -36.74 21.57
N PHE B 280 0.14 -37.39 22.72
CA PHE B 280 1.01 -37.12 23.87
C PHE B 280 2.02 -38.25 24.02
N LYS B 281 3.19 -37.94 24.55
CA LYS B 281 4.24 -38.94 24.68
C LYS B 281 5.22 -38.53 25.76
N PRO B 282 5.52 -39.42 26.71
CA PRO B 282 6.46 -39.14 27.79
C PRO B 282 7.80 -38.65 27.28
N ASP B 283 8.43 -37.71 27.97
CA ASP B 283 9.74 -37.20 27.56
C ASP B 283 10.82 -37.93 28.32
N GLU B 284 11.63 -38.69 27.60
CA GLU B 284 12.66 -39.55 28.16
C GLU B 284 13.62 -38.79 29.07
N LYS B 285 13.74 -37.48 28.83
CA LYS B 285 14.72 -36.65 29.49
C LYS B 285 14.48 -36.49 30.98
N LYS B 286 13.22 -36.34 31.34
CA LYS B 286 12.80 -36.06 32.71
C LYS B 286 13.64 -34.95 33.30
N SER B 287 13.71 -33.83 32.58
CA SER B 287 14.42 -32.65 33.05
C SER B 287 14.02 -32.32 34.48
N LYS B 288 14.97 -31.82 35.27
CA LYS B 288 14.80 -31.76 36.72
C LYS B 288 14.01 -30.54 37.19
N TYR B 289 13.66 -29.65 36.27
CA TYR B 289 12.83 -28.53 36.64
C TYR B 289 11.37 -28.92 36.60
N TYR B 290 11.10 -30.13 36.14
CA TYR B 290 9.75 -30.69 36.09
C TYR B 290 9.57 -31.81 37.12
N THR B 291 8.45 -31.82 37.83
CA THR B 291 8.07 -32.93 38.69
C THR B 291 8.26 -34.23 37.96
N PRO B 292 8.78 -35.26 38.64
CA PRO B 292 8.97 -36.54 37.96
C PRO B 292 7.72 -37.05 37.25
N GLU B 293 7.91 -37.50 36.04
CA GLU B 293 6.89 -38.19 35.28
C GLU B 293 5.79 -37.28 34.81
N THR B 294 6.05 -35.97 34.76
CA THR B 294 5.05 -35.07 34.22
C THR B 294 5.49 -34.40 32.93
N GLN B 295 6.78 -34.45 32.61
CA GLN B 295 7.27 -33.82 31.40
C GLN B 295 6.72 -34.57 30.21
N THR B 296 5.93 -33.88 29.39
CA THR B 296 5.18 -34.49 28.31
C THR B 296 5.47 -33.83 26.98
N GLU B 297 5.55 -34.62 25.92
CA GLU B 297 5.78 -34.14 24.58
C GLU B 297 4.45 -34.13 23.84
N VAL B 298 4.24 -33.13 22.99
CA VAL B 298 3.03 -33.03 22.20
C VAL B 298 3.40 -33.12 20.71
N TYR B 299 2.76 -34.03 19.99
CA TYR B 299 3.06 -34.26 18.57
C TYR B 299 1.87 -33.88 17.70
N ALA B 300 2.16 -33.29 16.55
CA ALA B 300 1.14 -32.99 15.55
C ALA B 300 1.64 -33.43 14.19
N TYR B 301 0.71 -33.66 13.27
CA TYR B 301 1.04 -34.32 12.02
C TYR B 301 1.41 -33.33 10.93
N HIS B 302 2.63 -33.49 10.41
CA HIS B 302 3.10 -32.70 9.28
C HIS B 302 2.84 -33.47 8.00
N PRO B 303 1.82 -33.07 7.23
CA PRO B 303 1.40 -33.84 6.06
C PRO B 303 2.48 -33.93 4.97
N LYS B 304 3.12 -32.82 4.63
CA LYS B 304 4.14 -32.81 3.58
C LYS B 304 5.36 -33.67 3.91
N LEU B 305 5.70 -33.76 5.19
CA LEU B 305 6.87 -34.54 5.61
C LEU B 305 6.49 -35.98 5.80
N GLY B 306 5.18 -36.22 5.91
CA GLY B 306 4.65 -37.55 6.10
C GLY B 306 4.75 -38.02 7.53
N GLU B 307 5.62 -37.39 8.32
CA GLU B 307 5.87 -37.82 9.70
C GLU B 307 5.25 -36.92 10.76
N TRP B 308 5.15 -37.45 11.98
CA TRP B 308 4.68 -36.68 13.13
C TRP B 308 5.82 -35.87 13.70
N ILE B 309 5.51 -34.64 14.08
CA ILE B 309 6.53 -33.69 14.51
C ILE B 309 6.19 -33.15 15.91
N GLU B 310 7.21 -32.83 16.70
CA GLU B 310 7.03 -32.33 18.06
C GLU B 310 6.71 -30.85 18.07
N VAL B 311 5.50 -30.47 18.48
CA VAL B 311 5.13 -29.07 18.46
C VAL B 311 5.29 -28.44 19.82
N ALA B 312 5.10 -29.21 20.88
CA ALA B 312 5.14 -28.62 22.21
C ALA B 312 5.66 -29.56 23.29
N THR B 313 5.90 -28.99 24.45
CA THR B 313 6.35 -29.72 25.62
C THR B 313 5.63 -29.15 26.81
N PHE B 314 5.17 -29.97 27.74
CA PHE B 314 4.67 -29.37 28.96
C PHE B 314 4.97 -30.21 30.18
N GLY B 315 4.67 -29.67 31.35
CA GLY B 315 4.91 -30.38 32.59
C GLY B 315 4.53 -29.55 33.79
N VAL B 316 4.74 -30.09 34.99
CA VAL B 316 4.50 -29.36 36.22
C VAL B 316 5.81 -29.09 36.94
N TYR B 317 6.12 -27.85 37.26
CA TYR B 317 7.41 -27.53 37.89
C TYR B 317 7.65 -28.31 39.16
N SER B 318 8.91 -28.59 39.47
CA SER B 318 9.25 -29.38 40.64
C SER B 318 9.13 -28.58 41.89
N PRO B 319 8.44 -29.11 42.89
CA PRO B 319 8.34 -28.45 44.20
C PRO B 319 9.69 -27.96 44.74
N ILE B 320 10.79 -28.57 44.31
CA ILE B 320 12.10 -28.14 44.75
C ILE B 320 12.47 -26.80 44.11
N ALA B 321 12.16 -26.68 42.83
CA ALA B 321 12.52 -25.47 42.11
C ALA B 321 11.58 -24.35 42.51
N LEU B 322 10.30 -24.69 42.63
CA LEU B 322 9.32 -23.73 43.09
C LEU B 322 9.70 -23.23 44.46
N ALA B 323 10.12 -24.13 45.34
CA ALA B 323 10.52 -23.77 46.69
C ALA B 323 11.69 -22.81 46.68
N LYS B 324 12.70 -23.06 45.86
CA LYS B 324 13.82 -22.13 45.77
C LYS B 324 13.45 -20.77 45.19
N TYR B 325 12.20 -20.60 44.79
CA TYR B 325 11.74 -19.31 44.28
C TYR B 325 10.63 -18.78 45.13
N ASN B 326 10.42 -19.42 46.28
CA ASN B 326 9.42 -18.98 47.24
C ASN B 326 8.00 -19.16 46.72
N ILE B 327 7.78 -20.20 45.93
CA ILE B 327 6.47 -20.49 45.40
C ILE B 327 5.98 -21.79 45.99
N ASP B 328 4.84 -21.76 46.67
CA ASP B 328 4.41 -22.91 47.43
C ASP B 328 3.19 -23.56 46.82
N VAL B 329 2.99 -23.35 45.53
CA VAL B 329 1.79 -23.82 44.86
C VAL B 329 2.14 -24.37 43.48
N PRO B 330 1.56 -25.50 43.09
CA PRO B 330 1.96 -26.11 41.81
C PRO B 330 1.75 -25.21 40.61
N VAL B 331 2.58 -25.41 39.58
CA VAL B 331 2.60 -24.57 38.39
C VAL B 331 2.79 -25.43 37.16
N MET B 332 1.83 -25.39 36.24
CA MET B 332 1.97 -26.11 34.97
C MET B 332 2.52 -25.20 33.88
N ASN B 333 3.53 -25.68 33.17
CA ASN B 333 4.12 -24.89 32.12
C ASN B 333 3.96 -25.64 30.81
N LEU B 334 3.66 -24.91 29.72
CA LEU B 334 3.65 -25.51 28.38
C LEU B 334 4.36 -24.58 27.46
N GLY B 335 5.18 -25.10 26.58
CA GLY B 335 5.87 -24.30 25.61
C GLY B 335 5.75 -24.95 24.25
N LEU B 336 5.17 -24.23 23.31
CA LEU B 336 5.02 -24.71 21.95
C LEU B 336 5.99 -23.95 21.06
N GLY B 337 6.72 -24.65 20.20
CA GLY B 337 7.66 -23.98 19.33
C GLY B 337 6.96 -23.38 18.12
N VAL B 338 7.03 -22.07 17.98
CA VAL B 338 6.29 -21.37 16.94
C VAL B 338 6.70 -21.86 15.57
N GLU B 339 8.00 -22.02 15.35
CA GLU B 339 8.49 -22.43 14.05
C GLU B 339 7.99 -23.81 13.65
N ARG B 340 7.90 -24.73 14.59
CA ARG B 340 7.39 -26.04 14.27
C ARG B 340 5.96 -25.93 13.75
N LEU B 341 5.11 -25.27 14.53
CA LEU B 341 3.72 -25.14 14.17
C LEU B 341 3.60 -24.46 12.82
N ALA B 342 4.47 -23.49 12.56
CA ALA B 342 4.43 -22.78 11.30
C ALA B 342 4.81 -23.69 10.15
N MET B 343 5.78 -24.57 10.38
CA MET B 343 6.20 -25.54 9.38
C MET B 343 5.02 -26.38 8.99
N ILE B 344 4.22 -26.81 9.96
CA ILE B 344 3.06 -27.64 9.65
C ILE B 344 2.02 -26.84 8.89
N ILE B 345 1.75 -25.64 9.36
CA ILE B 345 0.70 -24.80 8.78
C ILE B 345 0.95 -24.42 7.32
N TYR B 346 2.17 -24.00 7.01
CA TYR B 346 2.49 -23.47 5.69
C TYR B 346 3.14 -24.52 4.82
N GLY B 347 3.37 -25.69 5.39
CA GLY B 347 3.90 -26.81 4.64
C GLY B 347 5.37 -26.72 4.31
N TYR B 348 6.15 -26.01 5.11
CA TYR B 348 7.58 -26.00 4.90
C TYR B 348 8.19 -27.26 5.47
N GLU B 349 9.32 -27.69 4.92
CA GLU B 349 9.96 -28.89 5.42
C GLU B 349 11.30 -28.56 6.02
N ASP B 350 11.67 -27.29 5.99
CA ASP B 350 12.96 -26.85 6.47
C ASP B 350 12.81 -25.51 7.16
N VAL B 351 12.89 -25.49 8.49
CA VAL B 351 12.77 -24.21 9.17
C VAL B 351 13.72 -23.17 8.64
N ARG B 352 14.92 -23.54 8.23
CA ARG B 352 15.84 -22.49 7.94
C ARG B 352 15.34 -21.75 6.71
N ALA B 353 14.67 -22.47 5.83
CA ALA B 353 14.21 -21.90 4.58
C ALA B 353 12.89 -21.17 4.73
N MET B 354 12.12 -21.54 5.74
CA MET B 354 10.86 -20.85 6.05
C MET B 354 11.13 -19.54 6.80
N VAL B 355 12.00 -19.62 7.79
CA VAL B 355 12.32 -18.47 8.57
C VAL B 355 13.11 -17.44 7.76
N TYR B 356 14.18 -17.86 7.10
CA TYR B 356 15.03 -16.93 6.34
C TYR B 356 14.99 -17.17 4.85
N PRO B 357 13.87 -16.88 4.19
CA PRO B 357 13.75 -17.23 2.78
C PRO B 357 14.56 -16.37 1.85
N GLN B 358 15.26 -15.39 2.38
CA GLN B 358 16.00 -14.50 1.51
C GLN B 358 17.30 -15.14 1.11
N PHE B 359 17.69 -16.16 1.85
CA PHE B 359 18.95 -16.82 1.59
C PHE B 359 18.73 -18.01 0.68
N TYR B 360 17.54 -18.05 0.09
CA TYR B 360 17.13 -19.13 -0.78
C TYR B 360 16.59 -18.51 -2.06
N GLU B 361 15.79 -19.22 -2.84
CA GLU B 361 15.49 -18.73 -4.18
C GLU B 361 14.08 -18.23 -4.35
N TYR B 362 13.91 -17.26 -5.25
CA TYR B 362 12.60 -16.68 -5.53
C TYR B 362 12.20 -16.94 -6.96
N ARG B 363 11.45 -18.02 -7.20
CA ARG B 363 11.13 -18.41 -8.56
C ARG B 363 10.02 -17.51 -9.07
N LEU B 364 10.05 -17.20 -10.37
CA LEU B 364 9.06 -16.33 -10.98
C LEU B 364 7.98 -17.18 -11.60
N SER B 365 6.72 -16.91 -11.26
CA SER B 365 5.62 -17.68 -11.80
C SER B 365 5.38 -17.32 -13.24
N ASP B 366 4.47 -18.01 -13.91
CA ASP B 366 4.21 -17.69 -15.30
C ASP B 366 3.70 -16.28 -15.39
N ARG B 367 2.86 -15.91 -14.43
CA ARG B 367 2.29 -14.57 -14.35
C ARG B 367 3.41 -13.56 -14.13
N ASP B 368 4.35 -13.90 -13.27
CA ASP B 368 5.47 -13.01 -12.99
C ASP B 368 6.23 -12.70 -14.26
N ILE B 369 6.49 -13.72 -15.08
CA ILE B 369 7.30 -13.53 -16.28
C ILE B 369 6.48 -12.83 -17.35
N ALA B 370 5.20 -13.13 -17.42
CA ALA B 370 4.35 -12.53 -18.42
C ALA B 370 4.25 -11.06 -18.16
N GLY B 371 4.52 -10.66 -16.92
CA GLY B 371 4.44 -9.26 -16.63
C GLY B 371 5.77 -8.58 -16.74
N MET B 372 6.79 -9.32 -17.14
CA MET B 372 8.14 -8.76 -17.28
C MET B 372 8.54 -8.73 -18.74
N ILE B 373 7.57 -8.97 -19.61
CA ILE B 373 7.73 -8.80 -21.05
C ILE B 373 7.17 -7.46 -21.45
N ARG B 374 8.05 -6.53 -21.84
CA ARG B 374 7.67 -5.15 -22.07
C ARG B 374 7.75 -4.78 -23.56
N VAL B 375 6.99 -3.78 -23.99
CA VAL B 375 7.10 -3.27 -25.34
C VAL B 375 8.28 -2.29 -25.43
N ASP B 376 9.18 -2.45 -26.38
CA ASP B 376 10.39 -1.64 -26.40
C ASP B 376 10.12 -0.20 -26.80
N LYS B 377 9.86 0.05 -28.09
CA LYS B 377 9.63 1.41 -28.54
C LYS B 377 8.16 1.68 -28.73
N VAL B 378 7.70 2.78 -28.16
CA VAL B 378 6.31 3.21 -28.22
C VAL B 378 6.34 4.72 -28.40
N PRO B 379 5.41 5.28 -29.18
CA PRO B 379 5.40 6.73 -29.39
C PRO B 379 5.08 7.52 -28.13
N ILE B 380 5.81 8.61 -27.94
CA ILE B 380 5.72 9.45 -26.74
C ILE B 380 4.57 10.46 -26.77
N LEU B 381 4.16 10.86 -27.96
CA LEU B 381 3.18 11.90 -28.13
C LEU B 381 1.82 11.28 -28.27
N ASP B 382 0.85 11.72 -27.47
CA ASP B 382 -0.49 11.15 -27.46
C ASP B 382 -1.05 10.92 -28.84
N GLU B 383 -0.87 11.93 -29.68
CA GLU B 383 -1.28 11.96 -31.08
C GLU B 383 -0.88 10.71 -31.84
N PHE B 384 0.42 10.43 -31.78
CA PHE B 384 0.98 9.34 -32.52
C PHE B 384 0.67 8.02 -31.84
N TYR B 385 0.49 8.03 -30.52
CA TYR B 385 0.10 6.80 -29.84
C TYR B 385 -1.27 6.36 -30.35
N ASN B 386 -2.22 7.29 -30.38
CA ASN B 386 -3.52 6.91 -30.87
C ASN B 386 -3.47 6.56 -32.34
N PHE B 387 -2.64 7.29 -33.08
CA PHE B 387 -2.46 6.99 -34.50
C PHE B 387 -2.04 5.55 -34.64
N ALA B 388 -1.12 5.14 -33.78
CA ALA B 388 -0.63 3.78 -33.75
C ALA B 388 -1.77 2.81 -33.53
N ASN B 389 -2.59 3.05 -32.52
CA ASN B 389 -3.70 2.12 -32.27
C ASN B 389 -4.62 1.97 -33.45
N GLU B 390 -4.94 3.11 -34.05
CA GLU B 390 -5.81 3.15 -35.20
C GLU B 390 -5.23 2.32 -36.32
N LEU B 391 -3.93 2.50 -36.52
CA LEU B 391 -3.17 1.81 -37.54
C LEU B 391 -3.18 0.29 -37.32
N ILE B 392 -3.04 -0.11 -36.06
CA ILE B 392 -3.11 -1.51 -35.71
C ILE B 392 -4.45 -2.07 -36.16
N ASP B 393 -5.53 -1.40 -35.77
CA ASP B 393 -6.85 -1.90 -36.14
C ASP B 393 -7.06 -1.95 -37.65
N ILE B 394 -6.48 -0.99 -38.36
CA ILE B 394 -6.53 -0.99 -39.82
C ILE B 394 -5.86 -2.23 -40.41
N CYS B 395 -4.63 -2.51 -39.97
CA CYS B 395 -3.94 -3.71 -40.42
C CYS B 395 -4.74 -4.96 -40.08
N ILE B 396 -5.23 -5.06 -38.84
CA ILE B 396 -5.98 -6.22 -38.46
C ILE B 396 -7.24 -6.36 -39.32
N ALA B 397 -7.69 -5.24 -39.88
CA ALA B 397 -8.86 -5.27 -40.73
C ALA B 397 -8.53 -5.69 -42.15
N ASN B 398 -7.32 -5.37 -42.60
CA ASN B 398 -6.96 -5.68 -43.98
C ASN B 398 -5.90 -6.77 -44.12
N LYS B 399 -5.79 -7.63 -43.12
CA LYS B 399 -4.75 -8.64 -43.13
C LYS B 399 -4.97 -9.67 -44.22
N ASP B 400 -6.17 -9.68 -44.80
CA ASP B 400 -6.52 -10.72 -45.75
C ASP B 400 -6.79 -10.20 -47.16
N LYS B 401 -6.50 -8.93 -47.38
CA LYS B 401 -6.59 -8.32 -48.71
C LYS B 401 -5.75 -9.14 -49.66
N GLU B 402 -6.25 -9.46 -50.86
CA GLU B 402 -5.48 -10.29 -51.77
C GLU B 402 -4.54 -9.42 -52.60
N SER B 403 -3.30 -9.87 -52.74
CA SER B 403 -2.25 -9.04 -53.32
C SER B 403 -2.30 -9.04 -54.84
N PRO B 404 -1.74 -7.99 -55.47
CA PRO B 404 -1.12 -6.79 -54.89
C PRO B 404 -2.07 -5.96 -54.06
N CYS B 405 -1.62 -5.56 -52.88
CA CYS B 405 -2.45 -4.79 -51.98
C CYS B 405 -1.77 -3.50 -51.68
N SER B 406 -2.53 -2.60 -51.09
CA SER B 406 -1.99 -1.37 -50.54
C SER B 406 -3.04 -0.82 -49.61
N VAL B 407 -2.60 -0.10 -48.59
CA VAL B 407 -3.50 0.56 -47.68
C VAL B 407 -2.86 1.86 -47.29
N GLU B 408 -3.47 2.96 -47.70
CA GLU B 408 -2.93 4.27 -47.39
C GLU B 408 -3.62 4.81 -46.17
N VAL B 409 -2.89 5.59 -45.39
CA VAL B 409 -3.41 6.38 -44.30
C VAL B 409 -2.67 7.70 -44.34
N LYS B 410 -3.35 8.74 -44.82
CA LYS B 410 -2.78 10.09 -44.87
C LYS B 410 -3.39 10.77 -43.67
N ARG B 411 -2.58 11.45 -42.85
CA ARG B 411 -3.11 12.23 -41.72
C ARG B 411 -2.23 13.42 -41.44
N GLU B 412 -2.83 14.54 -41.08
CA GLU B 412 -2.02 15.73 -40.92
C GLU B 412 -1.95 16.04 -39.43
N PHE B 413 -0.76 16.38 -38.99
CA PHE B 413 -0.52 16.63 -37.60
C PHE B 413 -0.09 18.07 -37.44
N ASN B 414 -0.57 18.69 -36.38
CA ASN B 414 -0.27 20.10 -36.13
C ASN B 414 0.70 20.24 -34.97
N PHE B 415 1.83 20.88 -35.22
CA PHE B 415 2.84 21.10 -34.18
C PHE B 415 3.06 22.59 -34.00
N ASN B 416 2.19 23.23 -33.22
CA ASN B 416 2.16 24.68 -33.08
C ASN B 416 1.85 25.32 -34.42
N GLY B 417 2.78 26.09 -34.96
CA GLY B 417 2.55 26.69 -36.26
C GLY B 417 2.36 25.68 -37.38
N GLU B 418 3.28 24.74 -37.47
CA GLU B 418 3.46 23.95 -38.67
C GLU B 418 2.59 22.73 -38.80
N ARG B 419 2.06 22.50 -39.99
CA ARG B 419 1.40 21.25 -40.30
C ARG B 419 2.42 20.34 -40.94
N ARG B 420 2.35 19.05 -40.64
CA ARG B 420 3.09 18.07 -41.40
C ARG B 420 2.07 17.04 -41.82
N VAL B 421 2.22 16.44 -43.00
CA VAL B 421 1.28 15.43 -43.41
C VAL B 421 2.00 14.11 -43.54
N ILE B 422 1.55 13.13 -42.77
CA ILE B 422 2.17 11.83 -42.73
C ILE B 422 1.36 10.86 -43.55
N LYS B 423 1.98 10.32 -44.60
CA LYS B 423 1.37 9.30 -45.42
C LYS B 423 2.04 7.98 -45.11
N VAL B 424 1.33 7.17 -44.32
CA VAL B 424 1.78 5.83 -44.01
C VAL B 424 1.09 4.90 -44.98
N GLU B 425 1.87 4.11 -45.68
CA GLU B 425 1.34 3.23 -46.70
C GLU B 425 1.82 1.85 -46.39
N ILE B 426 0.89 0.90 -46.33
CA ILE B 426 1.24 -0.45 -45.95
C ILE B 426 0.84 -1.41 -47.05
N PHE B 427 1.80 -2.14 -47.58
CA PHE B 427 1.55 -2.80 -48.85
C PHE B 427 2.06 -4.23 -49.02
N GLU B 428 1.80 -4.76 -50.21
CA GLU B 428 2.31 -6.05 -50.65
C GLU B 428 2.27 -6.09 -52.17
N ASN B 429 3.40 -5.81 -52.82
CA ASN B 429 3.49 -5.80 -54.28
C ASN B 429 3.33 -7.16 -54.95
N GLU B 430 3.95 -8.19 -54.38
CA GLU B 430 4.05 -9.49 -55.02
C GLU B 430 2.73 -10.23 -54.99
N PRO B 431 2.40 -10.97 -56.05
CA PRO B 431 1.10 -11.61 -56.23
C PRO B 431 0.90 -12.91 -55.47
N ASN B 432 -0.35 -13.34 -55.38
CA ASN B 432 -0.73 -14.63 -54.79
C ASN B 432 -0.57 -14.69 -53.29
N LYS B 433 -0.32 -13.53 -52.69
CA LYS B 433 -0.20 -13.45 -51.25
C LYS B 433 -1.33 -12.61 -50.67
N LYS B 434 -1.24 -12.33 -49.38
CA LYS B 434 -2.20 -11.47 -48.73
C LYS B 434 -1.41 -10.30 -48.17
N LEU B 435 -2.10 -9.32 -47.61
CA LEU B 435 -1.42 -8.12 -47.16
C LEU B 435 -0.43 -8.42 -46.07
N LEU B 436 -0.78 -9.32 -45.14
CA LEU B 436 0.04 -9.45 -43.95
C LEU B 436 0.71 -10.80 -43.67
N GLY B 437 -0.01 -11.91 -43.69
CA GLY B 437 0.70 -13.14 -43.44
C GLY B 437 0.24 -13.86 -42.21
N PRO B 438 0.52 -15.16 -42.14
CA PRO B 438 -0.21 -16.09 -41.27
C PRO B 438 0.04 -15.90 -39.78
N SER B 439 1.07 -15.15 -39.43
CA SER B 439 1.45 -15.08 -38.03
C SER B 439 1.21 -13.70 -37.41
N VAL B 440 0.75 -12.76 -38.21
CA VAL B 440 0.64 -11.37 -37.80
C VAL B 440 -0.22 -11.17 -36.55
N LEU B 441 -1.12 -12.10 -36.24
CA LEU B 441 -1.95 -11.94 -35.06
C LEU B 441 -1.57 -12.85 -33.92
N ASN B 442 -0.39 -13.45 -34.03
CA ASN B 442 0.12 -14.33 -32.98
C ASN B 442 0.26 -13.56 -31.69
N GLU B 443 -0.04 -14.23 -30.58
CA GLU B 443 -0.13 -13.63 -29.25
C GLU B 443 0.87 -14.29 -28.32
N VAL B 444 1.62 -13.50 -27.56
CA VAL B 444 2.69 -14.04 -26.72
C VAL B 444 2.20 -14.57 -25.37
N TYR B 445 2.45 -15.85 -25.11
CA TYR B 445 2.04 -16.51 -23.89
C TYR B 445 3.22 -16.95 -23.06
N VAL B 446 2.99 -17.18 -21.78
CA VAL B 446 3.98 -17.79 -20.91
C VAL B 446 3.38 -19.03 -20.28
N TYR B 447 4.06 -20.16 -20.42
CA TYR B 447 3.62 -21.40 -19.81
C TYR B 447 4.76 -22.26 -19.34
N ASP B 448 4.66 -22.72 -18.10
CA ASP B 448 5.66 -23.55 -17.47
C ASP B 448 7.07 -23.01 -17.69
N GLY B 449 7.25 -21.71 -17.54
CA GLY B 449 8.59 -21.15 -17.60
C GLY B 449 9.03 -20.84 -19.01
N ASN B 450 8.20 -21.18 -19.99
CA ASN B 450 8.48 -20.95 -21.40
C ASN B 450 7.73 -19.77 -22.00
N ILE B 451 8.32 -19.14 -23.00
CA ILE B 451 7.61 -18.11 -23.74
C ILE B 451 7.29 -18.58 -25.15
N TYR B 452 6.02 -18.58 -25.52
CA TYR B 452 5.63 -19.02 -26.85
C TYR B 452 4.85 -17.95 -27.56
N GLY B 453 5.20 -17.63 -28.80
CA GLY B 453 4.34 -16.79 -29.59
C GLY B 453 3.39 -17.67 -30.36
N ILE B 454 2.11 -17.62 -30.04
CA ILE B 454 1.15 -18.60 -30.56
C ILE B 454 0.07 -18.01 -31.46
N PRO B 455 -0.21 -18.67 -32.60
CA PRO B 455 -1.24 -18.20 -33.52
C PRO B 455 -2.63 -18.64 -33.09
N PRO B 456 -3.65 -17.89 -33.50
CA PRO B 456 -5.00 -18.15 -32.99
C PRO B 456 -5.54 -19.48 -33.47
N THR B 457 -4.97 -19.99 -34.55
CA THR B 457 -5.41 -21.25 -35.15
C THR B 457 -4.19 -22.04 -35.57
N PHE B 458 -4.30 -23.36 -35.60
CA PHE B 458 -3.11 -24.17 -35.81
C PHE B 458 -2.92 -24.71 -37.23
N GLU B 459 -3.49 -24.05 -38.22
CA GLU B 459 -3.23 -24.43 -39.60
C GLU B 459 -1.77 -24.19 -39.93
N GLY B 460 -1.12 -25.18 -40.52
CA GLY B 460 0.23 -25.00 -41.00
C GLY B 460 1.26 -25.15 -39.91
N VAL B 461 0.82 -25.49 -38.72
CA VAL B 461 1.74 -25.72 -37.62
C VAL B 461 2.16 -27.17 -37.68
N LYS B 462 3.46 -27.41 -37.46
CA LYS B 462 4.02 -28.76 -37.48
C LYS B 462 3.23 -29.52 -36.42
N GLU B 463 2.95 -30.80 -36.55
CA GLU B 463 1.89 -31.34 -35.69
C GLU B 463 2.42 -31.87 -34.37
N GLN B 464 3.72 -32.09 -34.32
CA GLN B 464 4.45 -32.24 -33.07
C GLN B 464 4.18 -31.08 -32.11
N TYR B 465 4.24 -29.85 -32.62
CA TYR B 465 4.07 -28.64 -31.80
C TYR B 465 2.66 -28.46 -31.26
N ILE B 466 1.66 -28.80 -32.05
CA ILE B 466 0.29 -28.41 -31.74
C ILE B 466 -0.22 -28.77 -30.33
N PRO B 467 0.07 -29.98 -29.81
CA PRO B 467 -0.54 -30.20 -28.49
C PRO B 467 0.11 -29.33 -27.41
N ILE B 468 1.40 -29.05 -27.59
CA ILE B 468 2.11 -28.15 -26.70
C ILE B 468 1.55 -26.74 -26.71
N LEU B 469 1.44 -26.15 -27.90
CA LEU B 469 0.96 -24.79 -28.03
C LEU B 469 -0.49 -24.69 -27.61
N LYS B 470 -1.23 -25.76 -27.81
CA LYS B 470 -2.62 -25.80 -27.39
C LYS B 470 -2.65 -25.78 -25.87
N LYS B 471 -1.70 -26.44 -25.25
CA LYS B 471 -1.67 -26.51 -23.79
C LYS B 471 -1.24 -25.19 -23.19
N ALA B 472 -0.24 -24.56 -23.80
CA ALA B 472 0.20 -23.26 -23.34
C ALA B 472 -0.91 -22.25 -23.51
N LYS B 473 -1.63 -22.30 -24.62
CA LYS B 473 -2.72 -21.36 -24.83
C LYS B 473 -3.85 -21.57 -23.82
N GLU B 474 -4.02 -22.80 -23.35
CA GLU B 474 -5.12 -23.09 -22.42
C GLU B 474 -4.74 -22.80 -20.96
N GLU B 475 -3.56 -23.23 -20.56
CA GLU B 475 -3.10 -23.16 -19.17
C GLU B 475 -2.16 -22.00 -18.88
N GLY B 476 -1.43 -21.55 -19.88
CA GLY B 476 -0.46 -20.47 -19.71
C GLY B 476 -1.07 -19.11 -19.45
N VAL B 477 -0.20 -18.11 -19.27
CA VAL B 477 -0.64 -16.75 -19.00
C VAL B 477 -0.27 -15.85 -20.14
N SER B 478 -1.22 -15.06 -20.62
CA SER B 478 -0.99 -14.27 -21.81
C SER B 478 -0.43 -12.92 -21.51
N THR B 479 0.35 -12.38 -22.42
CA THR B 479 0.83 -11.03 -22.25
C THR B 479 -0.17 -10.06 -22.83
N ASN B 480 -1.17 -10.59 -23.52
CA ASN B 480 -2.17 -9.79 -24.19
C ASN B 480 -1.54 -8.85 -25.20
N ILE B 481 -0.40 -9.25 -25.74
CA ILE B 481 0.25 -8.55 -26.84
C ILE B 481 0.36 -9.46 -28.06
N ARG B 482 -0.09 -8.97 -29.21
CA ARG B 482 0.02 -9.70 -30.46
C ARG B 482 1.21 -9.17 -31.22
N TYR B 483 1.73 -9.92 -32.19
CA TYR B 483 2.89 -9.44 -32.93
C TYR B 483 2.61 -8.05 -33.50
N ILE B 484 1.45 -7.92 -34.13
CA ILE B 484 1.08 -6.69 -34.80
C ILE B 484 1.16 -5.47 -33.89
N ASP B 485 0.85 -5.67 -32.61
CA ASP B 485 0.86 -4.57 -31.64
C ASP B 485 2.26 -3.99 -31.51
N GLY B 486 3.24 -4.82 -31.22
CA GLY B 486 4.57 -4.31 -31.01
C GLY B 486 5.16 -3.80 -32.30
N ILE B 487 4.77 -4.43 -33.40
CA ILE B 487 5.31 -4.03 -34.69
C ILE B 487 4.88 -2.62 -35.03
N ILE B 488 3.59 -2.34 -34.88
CA ILE B 488 3.08 -1.05 -35.27
C ILE B 488 3.53 0.05 -34.29
N TYR B 489 3.63 -0.27 -33.00
CA TYR B 489 4.14 0.71 -32.06
C TYR B 489 5.55 1.08 -32.46
N LYS B 490 6.31 0.10 -32.93
CA LYS B 490 7.67 0.37 -33.40
C LYS B 490 7.66 1.30 -34.60
N LEU B 491 6.76 1.04 -35.54
CA LEU B 491 6.65 1.84 -36.75
C LEU B 491 6.35 3.31 -36.45
N VAL B 492 5.30 3.55 -35.68
CA VAL B 492 4.92 4.91 -35.37
C VAL B 492 5.98 5.60 -34.50
N ALA B 493 6.64 4.82 -33.65
CA ALA B 493 7.70 5.39 -32.86
C ALA B 493 8.76 5.89 -33.80
N LYS B 494 8.91 5.18 -34.91
CA LYS B 494 9.90 5.59 -35.89
C LYS B 494 9.46 6.84 -36.63
N ILE B 495 8.14 7.01 -36.79
CA ILE B 495 7.64 8.28 -37.37
C ILE B 495 8.04 9.45 -36.50
N GLU B 496 7.83 9.31 -35.19
CA GLU B 496 8.25 10.33 -34.24
C GLU B 496 9.73 10.65 -34.35
N GLU B 497 10.53 9.57 -34.37
CA GLU B 497 11.97 9.72 -34.47
C GLU B 497 12.30 10.48 -35.74
N ALA B 498 11.58 10.16 -36.80
CA ALA B 498 11.81 10.77 -38.10
C ALA B 498 11.58 12.26 -38.00
N LEU B 499 10.41 12.66 -37.48
CA LEU B 499 10.09 14.08 -37.36
C LEU B 499 11.16 14.83 -36.59
N VAL B 500 11.63 14.27 -35.51
CA VAL B 500 12.66 14.95 -34.74
C VAL B 500 14.03 14.91 -35.43
N SER B 501 14.21 13.99 -36.37
CA SER B 501 15.51 13.82 -37.03
C SER B 501 15.65 14.46 -38.41
N ASN B 502 14.61 15.17 -38.84
CA ASN B 502 14.56 15.79 -40.16
C ASN B 502 14.69 14.73 -41.25
N VAL B 503 13.80 13.75 -41.20
CA VAL B 503 13.76 12.68 -42.19
C VAL B 503 12.35 12.64 -42.74
N ASP B 504 12.20 12.61 -44.06
CA ASP B 504 10.88 12.79 -44.64
C ASP B 504 10.32 11.52 -45.24
N GLU B 505 11.16 10.51 -45.35
CA GLU B 505 10.79 9.26 -46.00
C GLU B 505 11.60 8.14 -45.39
N PHE B 506 10.95 7.00 -45.18
CA PHE B 506 11.69 5.80 -44.83
C PHE B 506 10.80 4.60 -45.11
N LYS B 507 11.40 3.42 -45.21
CA LYS B 507 10.62 2.22 -45.36
C LYS B 507 10.87 1.40 -44.11
N PHE B 508 9.96 0.51 -43.81
CA PHE B 508 9.98 -0.24 -42.57
C PHE B 508 9.37 -1.57 -42.90
N ARG B 509 10.07 -2.64 -42.55
CA ARG B 509 9.68 -3.96 -42.98
C ARG B 509 9.91 -5.00 -41.90
N VAL B 510 8.99 -5.94 -41.78
CA VAL B 510 9.14 -7.03 -40.83
C VAL B 510 8.84 -8.30 -41.61
N PRO B 511 9.89 -9.01 -42.02
CA PRO B 511 9.66 -10.21 -42.80
C PRO B 511 9.20 -11.39 -41.95
N ILE B 512 10.14 -12.23 -41.55
CA ILE B 512 9.86 -13.38 -40.72
C ILE B 512 10.32 -13.10 -39.31
N VAL B 513 9.50 -13.41 -38.33
CA VAL B 513 9.78 -13.08 -36.95
C VAL B 513 10.59 -14.20 -36.31
N ARG B 514 11.70 -13.88 -35.67
CA ARG B 514 12.58 -14.91 -35.12
C ARG B 514 12.83 -14.80 -33.63
N SER B 515 12.69 -13.59 -33.09
CA SER B 515 13.00 -13.33 -31.70
C SER B 515 12.00 -12.37 -31.13
N LEU B 516 12.07 -12.09 -29.84
CA LEU B 516 11.18 -11.12 -29.25
C LEU B 516 11.48 -9.77 -29.86
N SER B 517 12.75 -9.47 -30.04
CA SER B 517 13.19 -8.20 -30.58
C SER B 517 12.53 -7.88 -31.91
N ASP B 518 12.27 -8.93 -32.69
CA ASP B 518 11.70 -8.74 -34.01
C ASP B 518 10.31 -8.16 -33.93
N ILE B 519 9.58 -8.44 -32.87
CA ILE B 519 8.29 -7.79 -32.71
C ILE B 519 8.34 -6.69 -31.66
N ASN B 520 9.49 -6.05 -31.51
CA ASN B 520 9.59 -4.86 -30.67
C ASN B 520 9.28 -5.14 -29.21
N LEU B 521 9.59 -6.33 -28.72
CA LEU B 521 9.38 -6.65 -27.32
C LEU B 521 10.73 -6.91 -26.68
N LYS B 522 10.81 -6.80 -25.35
CA LYS B 522 11.99 -7.26 -24.64
C LYS B 522 11.60 -7.84 -23.31
N ILE B 523 12.52 -8.55 -22.66
CA ILE B 523 12.18 -9.23 -21.41
C ILE B 523 13.11 -8.76 -20.30
N ASP B 524 12.59 -8.64 -19.09
CA ASP B 524 13.37 -8.16 -17.97
C ASP B 524 14.50 -9.13 -17.67
N GLU B 525 15.66 -8.58 -17.38
CA GLU B 525 16.89 -9.36 -17.25
C GLU B 525 16.74 -10.49 -16.25
N LEU B 526 16.03 -10.21 -15.17
CA LEU B 526 15.82 -11.18 -14.12
C LEU B 526 15.02 -12.38 -14.59
N ALA B 527 14.14 -12.16 -15.55
CA ALA B 527 13.29 -13.24 -16.00
C ALA B 527 14.06 -14.08 -16.99
N LEU B 528 14.94 -13.42 -17.72
CA LEU B 528 15.76 -14.13 -18.67
C LEU B 528 16.70 -15.05 -17.92
N LYS B 529 17.38 -14.53 -16.90
CA LYS B 529 18.29 -15.35 -16.09
C LYS B 529 17.64 -16.65 -15.67
N GLN B 530 16.36 -16.61 -15.34
CA GLN B 530 15.67 -17.79 -14.92
C GLN B 530 15.32 -18.66 -16.11
N ILE B 531 14.88 -18.03 -17.19
CA ILE B 531 14.46 -18.75 -18.39
C ILE B 531 15.60 -19.63 -18.83
N MET B 532 16.79 -19.05 -18.81
CA MET B 532 18.00 -19.77 -19.13
C MET B 532 18.37 -20.81 -18.08
N GLY B 533 18.62 -20.36 -16.86
CA GLY B 533 18.93 -21.25 -15.76
C GLY B 533 18.07 -22.49 -15.63
N GLU B 534 16.79 -22.35 -15.92
CA GLU B 534 15.88 -23.47 -15.82
C GLU B 534 15.83 -24.23 -17.12
N ASN B 535 16.63 -23.80 -18.07
CA ASN B 535 16.70 -24.44 -19.37
C ASN B 535 15.36 -24.54 -20.11
N LYS B 536 14.73 -23.39 -20.33
CA LYS B 536 13.45 -23.32 -21.01
C LYS B 536 13.60 -22.54 -22.30
N VAL B 537 12.52 -22.38 -23.07
CA VAL B 537 12.66 -21.72 -24.36
C VAL B 537 11.90 -20.40 -24.47
N ILE B 538 12.42 -19.56 -25.36
CA ILE B 538 11.71 -18.38 -25.84
C ILE B 538 11.50 -18.59 -27.32
N ASP B 539 10.35 -19.14 -27.68
CA ASP B 539 10.06 -19.45 -29.07
C ASP B 539 9.04 -18.52 -29.68
N VAL B 540 9.47 -17.36 -30.16
CA VAL B 540 8.54 -16.53 -30.91
C VAL B 540 9.04 -16.41 -32.33
N ARG B 541 8.23 -16.90 -33.25
CA ARG B 541 8.57 -16.91 -34.66
C ARG B 541 7.31 -17.08 -35.46
N GLY B 542 7.36 -16.56 -36.68
CA GLY B 542 6.26 -16.67 -37.61
C GLY B 542 6.47 -15.77 -38.81
N PRO B 543 5.88 -16.15 -39.95
CA PRO B 543 5.97 -15.26 -41.10
C PRO B 543 4.92 -14.17 -40.98
N VAL B 544 5.39 -12.94 -41.03
CA VAL B 544 4.54 -11.77 -40.83
C VAL B 544 5.01 -10.76 -41.80
N PHE B 545 4.70 -10.89 -43.08
CA PHE B 545 5.41 -10.05 -44.01
C PHE B 545 4.75 -8.72 -44.14
N LEU B 546 5.25 -7.74 -43.37
CA LEU B 546 4.65 -6.43 -43.35
C LEU B 546 5.61 -5.45 -43.95
N ASN B 547 5.21 -4.87 -45.07
CA ASN B 547 5.99 -3.83 -45.71
C ASN B 547 5.26 -2.52 -45.57
N ALA B 548 6.02 -1.47 -45.26
CA ALA B 548 5.45 -0.15 -45.10
C ALA B 548 6.39 0.92 -45.59
N LYS B 549 5.82 1.98 -46.12
CA LYS B 549 6.57 3.15 -46.51
C LYS B 549 5.94 4.32 -45.79
N VAL B 550 6.78 5.26 -45.36
CA VAL B 550 6.26 6.43 -44.70
C VAL B 550 6.86 7.67 -45.33
N GLU B 551 5.99 8.61 -45.67
CA GLU B 551 6.39 9.86 -46.27
C GLU B 551 5.87 11.02 -45.42
N ILE B 552 6.72 12.00 -45.16
CA ILE B 552 6.35 13.11 -44.31
C ILE B 552 6.45 14.44 -45.02
N LYS B 553 5.30 14.96 -45.46
CA LYS B 553 5.28 16.23 -46.15
C LYS B 553 4.84 17.32 -45.19
N ASN C 2 4.25 15.54 -11.41
CA ASN C 2 4.80 14.67 -12.44
C ASN C 2 3.92 14.54 -13.67
N HIS C 3 2.60 14.44 -13.47
CA HIS C 3 1.68 14.41 -14.60
C HIS C 3 1.84 15.68 -15.41
N MET C 4 2.16 16.77 -14.73
CA MET C 4 2.48 18.05 -15.33
C MET C 4 3.83 18.04 -16.07
N ARG C 5 4.82 17.35 -15.49
CA ARG C 5 6.14 17.21 -16.09
C ARG C 5 6.10 16.49 -17.42
N VAL C 6 5.33 15.41 -17.47
CA VAL C 6 5.26 14.59 -18.66
C VAL C 6 4.77 15.43 -19.80
N GLU C 7 3.77 16.25 -19.53
CA GLU C 7 3.23 17.12 -20.56
C GLU C 7 4.21 18.22 -20.93
N TYR C 8 5.01 18.70 -19.97
CA TYR C 8 6.02 19.70 -20.34
C TYR C 8 7.02 19.11 -21.30
N SER C 9 7.46 17.89 -21.04
CA SER C 9 8.46 17.28 -21.92
C SER C 9 7.85 17.03 -23.30
N LYS C 10 6.60 16.58 -23.34
CA LYS C 10 5.96 16.42 -24.65
C LYS C 10 5.91 17.76 -25.37
N ASP C 11 5.75 18.84 -24.62
CA ASP C 11 5.72 20.19 -25.18
C ASP C 11 7.05 20.54 -25.79
N LEU C 12 8.13 20.20 -25.11
CA LEU C 12 9.47 20.43 -25.63
C LEU C 12 9.67 19.69 -26.93
N ILE C 13 9.14 18.47 -26.99
CA ILE C 13 9.27 17.67 -28.20
C ILE C 13 8.55 18.33 -29.37
N ARG C 14 7.30 18.69 -29.14
CA ARG C 14 6.51 19.32 -30.21
C ARG C 14 7.11 20.64 -30.68
N LYS C 15 7.60 21.48 -29.78
CA LYS C 15 8.14 22.72 -30.31
C LYS C 15 9.48 22.45 -30.98
N GLY C 16 10.16 21.37 -30.61
CA GLY C 16 11.34 21.01 -31.37
C GLY C 16 10.98 20.65 -32.80
N ILE C 17 9.84 20.00 -32.97
CA ILE C 17 9.37 19.65 -34.31
C ILE C 17 8.89 20.87 -35.09
N SER C 18 8.28 21.82 -34.40
CA SER C 18 7.88 23.08 -35.04
C SER C 18 9.08 23.79 -35.60
N THR C 19 10.06 24.01 -34.72
CA THR C 19 11.29 24.67 -35.10
C THR C 19 12.01 23.97 -36.24
N ILE C 20 11.95 22.63 -36.26
CA ILE C 20 12.58 21.91 -37.35
C ILE C 20 11.80 22.14 -38.65
N SER C 21 10.48 22.17 -38.56
CA SER C 21 9.68 22.34 -39.76
C SER C 21 9.89 23.71 -40.39
N GLN C 22 9.96 24.73 -39.56
CA GLN C 22 10.05 26.07 -40.11
C GLN C 22 11.49 26.37 -40.49
N LEU C 23 12.44 25.67 -39.86
CA LEU C 23 13.82 25.77 -40.31
C LEU C 23 14.01 25.05 -41.64
N LYS C 24 13.14 24.06 -41.94
CA LYS C 24 13.18 23.43 -43.26
C LYS C 24 12.65 24.38 -44.31
N LYS C 25 11.44 24.88 -44.13
CA LYS C 25 10.89 25.71 -45.21
C LYS C 25 11.46 27.12 -45.24
N ALA C 26 12.30 27.48 -44.28
CA ALA C 26 13.10 28.70 -44.41
C ALA C 26 14.16 28.51 -45.48
N LYS C 27 14.83 27.36 -45.43
CA LYS C 27 15.87 27.00 -46.41
C LYS C 27 15.23 26.59 -47.74
N ASN D 2 8.46 2.25 -17.69
CA ASN D 2 8.16 3.68 -17.76
C ASN D 2 9.39 4.57 -17.60
N HIS D 3 10.30 4.21 -16.70
CA HIS D 3 11.56 4.95 -16.57
C HIS D 3 12.27 4.90 -17.92
N MET D 4 12.06 3.79 -18.62
CA MET D 4 12.57 3.59 -19.95
C MET D 4 11.90 4.57 -20.92
N ARG D 5 10.60 4.81 -20.74
CA ARG D 5 9.87 5.80 -21.53
C ARG D 5 10.39 7.20 -21.30
N VAL D 6 10.60 7.52 -20.04
CA VAL D 6 11.03 8.84 -19.66
C VAL D 6 12.34 9.09 -20.36
N GLU D 7 13.19 8.08 -20.36
CA GLU D 7 14.48 8.26 -21.02
C GLU D 7 14.34 8.33 -22.56
N TYR D 8 13.36 7.62 -23.13
CA TYR D 8 13.11 7.74 -24.56
C TYR D 8 12.68 9.13 -24.95
N SER D 9 11.79 9.73 -24.17
CA SER D 9 11.31 11.06 -24.52
C SER D 9 12.46 12.04 -24.38
N LYS D 10 13.29 11.87 -23.36
CA LYS D 10 14.46 12.75 -23.24
C LYS D 10 15.35 12.58 -24.47
N ASP D 11 15.39 11.36 -25.00
CA ASP D 11 16.17 11.08 -26.20
C ASP D 11 15.63 11.85 -27.39
N LEU D 12 14.32 11.86 -27.53
CA LEU D 12 13.66 12.60 -28.61
C LEU D 12 13.96 14.08 -28.52
N ILE D 13 13.98 14.60 -27.30
CA ILE D 13 14.25 16.01 -27.10
C ILE D 13 15.67 16.33 -27.56
N ARG D 14 16.63 15.55 -27.07
CA ARG D 14 18.03 15.78 -27.43
C ARG D 14 18.27 15.68 -28.93
N LYS D 15 17.67 14.69 -29.59
CA LYS D 15 17.97 14.59 -31.01
C LYS D 15 17.26 15.71 -31.74
N GLY D 16 16.19 16.24 -31.17
CA GLY D 16 15.58 17.43 -31.76
C GLY D 16 16.50 18.63 -31.70
N ILE D 17 17.25 18.73 -30.61
CA ILE D 17 18.21 19.81 -30.49
C ILE D 17 19.40 19.60 -31.42
N SER D 18 19.78 18.34 -31.63
CA SER D 18 20.84 18.03 -32.59
C SER D 18 20.48 18.51 -33.97
N THR D 19 19.32 18.03 -34.43
CA THR D 19 18.81 18.39 -35.73
C THR D 19 18.67 19.90 -35.89
N ILE D 20 18.29 20.58 -34.82
CA ILE D 20 18.19 22.04 -34.92
C ILE D 20 19.56 22.67 -35.06
N SER D 21 20.54 22.17 -34.32
CA SER D 21 21.85 22.79 -34.38
C SER D 21 22.47 22.62 -35.76
N GLN D 22 22.29 21.45 -36.37
CA GLN D 22 22.96 21.25 -37.64
C GLN D 22 22.15 21.87 -38.78
N LEU D 23 20.85 22.03 -38.56
CA LEU D 23 20.06 22.80 -39.53
C LEU D 23 20.44 24.26 -39.46
N LYS D 24 20.96 24.70 -38.32
CA LYS D 24 21.51 26.06 -38.20
C LYS D 24 22.81 26.19 -38.94
N LYS D 25 23.76 25.30 -38.68
CA LYS D 25 25.06 25.48 -39.32
C LYS D 25 25.02 25.08 -40.81
N ALA D 26 23.90 24.54 -41.29
CA ALA D 26 23.72 24.43 -42.74
C ALA D 26 23.51 25.81 -43.34
N LYS D 27 22.59 26.57 -42.74
CA LYS D 27 22.31 27.94 -43.17
C LYS D 27 23.39 28.90 -42.67
#